data_5LOY
#
_entry.id   5LOY
#
_cell.length_a   170.742
_cell.length_b   170.742
_cell.length_c   92.127
_cell.angle_alpha   90.00
_cell.angle_beta   90.00
_cell.angle_gamma   90.00
#
_symmetry.space_group_name_H-M   'P 43 21 2'
#
loop_
_entity.id
_entity.type
_entity.pdbx_description
1 polymer 'Designed Anbu Protein'
2 water water
#
_entity_poly.entity_id   1
_entity_poly.type   'polypeptide(L)'
_entity_poly.pdbx_seq_one_letter_code
;TYCVGIRLDEGLVFASDSRTNAGVDNISTFRKMHVFEVPGERVIVLLTAGNLATTQAVISLLEERLKDPEERLLTAPSMF
EAARLVGEALREVQARDAPALEADGVDFNASFILGGQIAGEPPRLFLIYPAGNFIEATPDTPFFQIGETKYGKPILDRVI
TPDTSLEDAAKCALVSFDSTMRSNLSVGLPLDLLVYERDSLRVGHRRRIDEDDPYFRMLRKQWSEGLRQAFDSLPDPPWE
;
_entity_poly.pdbx_strand_id   A,B,C,D
#
# COMPACT_ATOMS: atom_id res chain seq x y z
N THR A 1 5.80 0.23 8.08
CA THR A 1 6.37 0.62 9.39
C THR A 1 5.83 -0.23 10.51
N TYR A 2 6.70 -1.09 11.02
CA TYR A 2 6.47 -1.81 12.25
C TYR A 2 7.83 -1.99 12.92
N CYS A 3 7.92 -1.59 14.19
CA CYS A 3 9.16 -1.77 14.96
C CYS A 3 8.85 -2.31 16.32
N VAL A 4 9.74 -3.17 16.81
CA VAL A 4 9.57 -3.85 18.07
C VAL A 4 10.85 -3.82 18.89
N GLY A 5 10.69 -3.60 20.20
CA GLY A 5 11.79 -3.72 21.14
C GLY A 5 11.36 -4.62 22.26
N ILE A 6 12.27 -5.51 22.67
CA ILE A 6 11.95 -6.54 23.70
C ILE A 6 13.03 -6.58 24.73
N ARG A 7 12.64 -6.67 25.99
CA ARG A 7 13.58 -6.68 27.09
C ARG A 7 13.49 -7.96 27.95
N LEU A 8 14.61 -8.64 28.14
CA LEU A 8 14.67 -9.93 28.82
C LEU A 8 15.77 -9.93 29.85
N ASP A 9 15.72 -10.87 30.78
CA ASP A 9 16.80 -11.01 31.74
C ASP A 9 18.13 -11.17 31.02
N GLU A 10 18.13 -11.94 29.94
CA GLU A 10 19.35 -12.22 29.16
C GLU A 10 19.88 -11.05 28.31
N GLY A 11 19.05 -10.03 28.05
CA GLY A 11 19.41 -8.94 27.13
C GLY A 11 18.25 -8.23 26.41
N LEU A 12 18.49 -7.78 25.17
CA LEU A 12 17.50 -7.02 24.39
C LEU A 12 17.45 -7.53 22.95
N VAL A 13 16.27 -7.42 22.36
CA VAL A 13 16.08 -7.74 20.94
C VAL A 13 15.31 -6.59 20.25
N PHE A 14 15.80 -6.15 19.11
CA PHE A 14 15.15 -5.08 18.35
C PHE A 14 14.94 -5.51 16.92
N ALA A 15 13.78 -5.16 16.36
CA ALA A 15 13.52 -5.45 14.96
C ALA A 15 12.70 -4.36 14.32
N SER A 16 12.95 -4.09 13.05
CA SER A 16 12.19 -3.07 12.33
C SER A 16 12.14 -3.38 10.86
N ASP A 17 11.06 -2.97 10.19
CA ASP A 17 10.93 -3.14 8.75
C ASP A 17 11.42 -1.87 8.05
N SER A 18 11.18 -1.74 6.74
CA SER A 18 11.68 -0.58 5.98
C SER A 18 10.69 0.09 5.05
N ARG A 19 9.46 -0.38 5.02
CA ARG A 19 8.49 0.16 4.08
C ARG A 19 7.94 1.46 4.67
N THR A 20 8.03 2.53 3.89
CA THR A 20 7.86 3.85 4.42
C THR A 20 7.06 4.74 3.48
N ASN A 21 6.11 5.47 4.04
CA ASN A 21 5.48 6.58 3.34
C ASN A 21 6.43 7.77 3.05
N ALA A 22 6.83 7.95 1.80
CA ALA A 22 7.77 8.98 1.43
C ALA A 22 7.09 9.98 0.50
N GLY A 23 5.87 10.34 0.84
CA GLY A 23 5.08 11.21 -0.02
C GLY A 23 4.10 10.49 -0.91
N VAL A 24 3.40 11.29 -1.70
CA VAL A 24 2.20 10.89 -2.41
C VAL A 24 2.54 9.90 -3.56
N ASP A 25 1.86 8.75 -3.55
CA ASP A 25 2.04 7.65 -4.53
C ASP A 25 3.46 7.09 -4.49
N ASN A 26 4.13 7.23 -3.35
CA ASN A 26 5.53 6.83 -3.21
C ASN A 26 5.72 6.19 -1.86
N ILE A 27 5.87 4.90 -1.89
CA ILE A 27 6.23 4.15 -0.73
C ILE A 27 7.59 3.62 -1.09
N SER A 28 8.60 3.88 -0.26
CA SER A 28 9.93 3.33 -0.55
C SER A 28 10.61 2.81 0.68
N THR A 29 11.85 2.36 0.46
CA THR A 29 12.63 1.71 1.48
C THR A 29 13.51 2.74 2.22
N PHE A 30 13.32 2.80 3.52
CA PHE A 30 14.16 3.58 4.43
C PHE A 30 14.39 2.77 5.68
N ARG A 31 15.65 2.61 6.07
CA ARG A 31 16.05 1.91 7.31
C ARG A 31 15.51 2.66 8.56
N LYS A 32 15.01 1.93 9.55
CA LYS A 32 14.43 2.55 10.74
C LYS A 32 15.15 2.27 12.05
N MET A 33 16.31 1.62 11.96
CA MET A 33 17.13 1.25 13.10
C MET A 33 18.43 2.04 13.03
N HIS A 34 18.77 2.69 14.15
CA HIS A 34 19.98 3.51 14.27
C HIS A 34 20.72 3.10 15.57
N VAL A 35 22.02 2.88 15.44
CA VAL A 35 22.82 2.36 16.52
C VAL A 35 23.94 3.34 16.90
N PHE A 36 24.05 3.61 18.20
CA PHE A 36 25.11 4.43 18.76
C PHE A 36 25.88 3.53 19.72
N GLU A 37 27.14 3.26 19.38
CA GLU A 37 27.93 2.28 20.08
C GLU A 37 29.29 2.90 20.47
N VAL A 38 29.68 2.74 21.75
CA VAL A 38 31.07 2.88 22.16
C VAL A 38 31.48 1.53 22.72
N PRO A 39 32.22 0.74 21.93
CA PRO A 39 32.41 -0.68 22.32
C PRO A 39 33.12 -0.78 23.67
N GLY A 40 32.56 -1.59 24.56
CA GLY A 40 33.06 -1.71 25.92
C GLY A 40 32.59 -0.64 26.92
N GLU A 41 31.81 0.36 26.50
CA GLU A 41 31.22 1.33 27.44
C GLU A 41 29.68 1.46 27.27
N ARG A 42 29.15 1.45 26.04
CA ARG A 42 27.68 1.49 25.86
C ARG A 42 27.20 1.09 24.46
N VAL A 43 25.97 0.63 24.41
CA VAL A 43 25.25 0.41 23.16
C VAL A 43 23.86 1.00 23.31
N ILE A 44 23.47 1.87 22.37
CA ILE A 44 22.13 2.47 22.35
C ILE A 44 21.49 2.29 20.98
N VAL A 45 20.26 1.81 20.95
CA VAL A 45 19.56 1.53 19.70
C VAL A 45 18.28 2.33 19.65
N LEU A 46 18.05 3.01 18.53
CA LEU A 46 16.87 3.85 18.32
C LEU A 46 16.06 3.38 17.10
N LEU A 47 14.77 3.10 17.30
CA LEU A 47 13.88 2.72 16.21
C LEU A 47 12.88 3.85 16.02
N THR A 48 12.58 4.14 14.74
CA THR A 48 11.70 5.23 14.36
C THR A 48 10.37 4.81 13.70
N ALA A 49 9.35 5.63 13.87
CA ALA A 49 8.08 5.46 13.16
C ALA A 49 7.37 6.78 12.96
N GLY A 50 6.53 6.85 11.94
CA GLY A 50 5.73 8.04 11.65
C GLY A 50 6.29 8.80 10.48
N ASN A 51 6.01 10.08 10.45
CA ASN A 51 6.40 10.93 9.36
C ASN A 51 7.91 10.96 9.18
N LEU A 52 8.38 10.61 7.98
CA LEU A 52 9.81 10.52 7.69
C LEU A 52 10.53 11.86 7.80
N ALA A 53 9.93 12.94 7.32
CA ALA A 53 10.59 14.23 7.48
C ALA A 53 10.84 14.56 8.95
N THR A 54 9.89 14.20 9.79
CA THR A 54 10.03 14.43 11.22
C THR A 54 11.10 13.52 11.84
N THR A 55 11.06 12.22 11.56
CA THR A 55 12.07 11.34 12.15
C THR A 55 13.50 11.72 11.70
N GLN A 56 13.67 12.06 10.43
CA GLN A 56 14.97 12.43 9.93
C GLN A 56 15.47 13.71 10.60
N ALA A 57 14.56 14.63 10.89
CA ALA A 57 14.94 15.88 11.54
C ALA A 57 15.31 15.67 13.02
N VAL A 58 14.65 14.72 13.67
CA VAL A 58 15.01 14.35 15.03
C VAL A 58 16.41 13.74 15.07
N ILE A 59 16.62 12.73 14.24
CA ILE A 59 17.94 12.10 14.14
C ILE A 59 19.03 13.16 13.86
N SER A 60 18.76 14.10 12.97
CA SER A 60 19.75 15.12 12.62
C SER A 60 20.09 15.98 13.83
N LEU A 61 19.09 16.26 14.65
CA LEU A 61 19.27 17.08 15.85
C LEU A 61 20.12 16.34 16.91
N LEU A 62 19.89 15.04 17.08
CA LEU A 62 20.62 14.20 18.05
C LEU A 62 22.05 13.96 17.67
N GLU A 63 22.40 14.12 16.40
CA GLU A 63 23.76 13.94 15.91
C GLU A 63 24.52 15.25 15.78
N GLU A 64 23.90 16.39 16.07
CA GLU A 64 24.57 17.67 15.85
C GLU A 64 25.90 17.75 16.60
N ARG A 65 26.98 17.94 15.82
CA ARG A 65 28.37 17.68 16.24
C ARG A 65 28.86 18.43 17.49
N LEU A 66 28.40 19.67 17.69
CA LEU A 66 28.90 20.54 18.75
C LEU A 66 27.80 20.87 19.78
N LYS A 67 27.35 19.84 20.52
CA LYS A 67 26.35 19.98 21.60
C LYS A 67 27.06 20.05 22.98
N ASP A 68 26.31 20.44 24.03
CA ASP A 68 26.87 20.65 25.39
C ASP A 68 27.18 19.31 26.12
N PRO A 69 27.84 19.36 27.30
CA PRO A 69 28.25 18.12 28.01
C PRO A 69 27.07 17.28 28.54
N GLU A 70 27.04 15.99 28.21
CA GLU A 70 25.93 15.05 28.56
C GLU A 70 24.63 15.24 27.75
N GLU A 71 24.72 15.99 26.63
CA GLU A 71 23.55 16.34 25.81
C GLU A 71 23.51 15.63 24.44
N ARG A 72 24.44 14.70 24.19
CA ARG A 72 24.42 13.82 22.99
C ARG A 72 24.05 12.40 23.49
N LEU A 73 23.45 11.58 22.63
CA LEU A 73 23.11 10.22 23.04
C LEU A 73 24.33 9.40 23.53
N LEU A 74 25.49 9.59 22.89
CA LEU A 74 26.72 8.89 23.31
C LEU A 74 27.25 9.31 24.70
N THR A 75 26.89 10.49 25.18
CA THR A 75 27.40 10.99 26.46
C THR A 75 26.35 11.13 27.57
N ALA A 76 25.13 10.66 27.32
CA ALA A 76 24.10 10.75 28.32
C ALA A 76 24.44 9.83 29.49
N PRO A 77 24.24 10.29 30.72
CA PRO A 77 24.68 9.52 31.88
C PRO A 77 23.77 8.32 32.22
N SER A 78 22.57 8.26 31.66
CA SER A 78 21.68 7.12 31.91
C SER A 78 20.69 7.02 30.75
N MET A 79 20.13 5.83 30.56
CA MET A 79 19.14 5.65 29.50
C MET A 79 17.90 6.48 29.71
N PHE A 80 17.54 6.76 30.96
CA PHE A 80 16.45 7.67 31.23
C PHE A 80 16.77 9.05 30.63
N GLU A 81 17.96 9.58 30.88
CA GLU A 81 18.34 10.85 30.29
C GLU A 81 18.41 10.79 28.75
N ALA A 82 18.86 9.66 28.21
CA ALA A 82 18.87 9.48 26.76
C ALA A 82 17.46 9.63 26.14
N ALA A 83 16.49 8.97 26.76
CA ALA A 83 15.10 9.02 26.32
C ALA A 83 14.58 10.44 26.39
N ARG A 84 14.92 11.14 27.45
CA ARG A 84 14.58 12.53 27.58
C ARG A 84 15.17 13.39 26.45
N LEU A 85 16.37 13.07 25.99
CA LEU A 85 16.93 13.78 24.85
C LEU A 85 16.13 13.54 23.57
N VAL A 86 15.68 12.32 23.35
CA VAL A 86 14.93 12.02 22.14
C VAL A 86 13.62 12.78 22.16
N GLY A 87 12.96 12.75 23.31
CA GLY A 87 11.71 13.47 23.50
C GLY A 87 11.83 14.96 23.34
N GLU A 88 12.90 15.54 23.85
CA GLU A 88 13.10 16.98 23.70
C GLU A 88 13.40 17.37 22.26
N ALA A 89 14.12 16.52 21.54
CA ALA A 89 14.43 16.75 20.14
C ALA A 89 13.14 16.71 19.30
N LEU A 90 12.30 15.72 19.59
CA LEU A 90 11.01 15.64 18.97
C LEU A 90 10.18 16.90 19.18
N ARG A 91 10.13 17.44 20.41
CA ARG A 91 9.37 18.66 20.63
C ARG A 91 9.94 19.87 19.92
N GLU A 92 11.27 19.96 19.87
CA GLU A 92 11.94 21.03 19.16
C GLU A 92 11.58 20.97 17.67
N VAL A 93 11.60 19.79 17.07
CA VAL A 93 11.23 19.65 15.66
C VAL A 93 9.76 20.00 15.39
N GLN A 94 8.85 19.56 16.25
CA GLN A 94 7.43 19.85 16.08
C GLN A 94 7.08 21.35 16.20
N ALA A 95 7.82 22.11 16.99
CA ALA A 95 7.60 23.55 17.04
C ALA A 95 8.10 24.30 15.77
N ARG A 96 8.71 23.60 14.82
CA ARG A 96 9.11 24.17 13.51
C ARG A 96 8.20 23.63 12.40
N ASP A 107 -0.21 14.79 8.24
CA ASP A 107 0.10 14.34 9.60
C ASP A 107 1.62 14.17 9.87
N PHE A 108 2.18 15.07 10.69
CA PHE A 108 3.64 15.13 10.94
C PHE A 108 4.12 14.40 12.20
N ASN A 109 3.25 13.62 12.84
CA ASN A 109 3.63 12.93 14.08
C ASN A 109 4.61 11.80 13.92
N ALA A 110 5.35 11.54 14.99
CA ALA A 110 6.39 10.53 14.99
C ALA A 110 6.54 9.92 16.35
N SER A 111 7.25 8.82 16.40
CA SER A 111 7.27 7.97 17.59
C SER A 111 8.54 7.10 17.59
N PHE A 112 9.05 6.76 18.76
CA PHE A 112 10.33 6.06 18.83
C PHE A 112 10.37 4.99 19.91
N ILE A 113 11.28 4.04 19.73
CA ILE A 113 11.66 3.11 20.76
C ILE A 113 13.15 3.24 20.99
N LEU A 114 13.57 3.32 22.24
CA LEU A 114 14.95 3.56 22.56
C LEU A 114 15.35 2.57 23.60
N GLY A 115 16.43 1.86 23.36
CA GLY A 115 16.95 0.95 24.39
C GLY A 115 18.42 0.68 24.29
N GLY A 116 18.97 0.02 25.29
CA GLY A 116 20.38 -0.29 25.31
C GLY A 116 20.92 -0.49 26.71
N GLN A 117 22.24 -0.38 26.85
CA GLN A 117 22.89 -0.55 28.13
C GLN A 117 24.08 0.38 28.24
N ILE A 118 24.22 1.02 29.39
CA ILE A 118 25.36 1.89 29.69
C ILE A 118 26.11 1.24 30.84
N ALA A 119 27.43 1.17 30.78
CA ALA A 119 28.21 0.42 31.79
C ALA A 119 27.76 0.71 33.23
N GLY A 120 27.59 -0.35 34.03
CA GLY A 120 27.21 -0.23 35.47
C GLY A 120 25.73 0.09 35.73
N GLU A 121 24.89 -0.23 34.76
CA GLU A 121 23.48 0.08 34.81
C GLU A 121 22.91 -1.15 34.04
N PRO A 122 21.75 -1.66 34.42
CA PRO A 122 21.27 -2.78 33.60
C PRO A 122 20.78 -2.35 32.22
N PRO A 123 20.42 -3.32 31.37
CA PRO A 123 19.78 -2.98 30.10
C PRO A 123 18.39 -2.40 30.32
N ARG A 124 18.01 -1.40 29.52
CA ARG A 124 16.74 -0.70 29.68
C ARG A 124 16.09 -0.41 28.32
N LEU A 125 14.78 -0.21 28.34
CA LEU A 125 13.98 -0.06 27.13
C LEU A 125 12.87 0.96 27.35
N PHE A 126 12.75 1.91 26.42
CA PHE A 126 11.78 3.03 26.52
C PHE A 126 10.94 3.20 25.28
N LEU A 127 9.73 3.74 25.46
CA LEU A 127 8.86 4.14 24.35
C LEU A 127 8.66 5.64 24.43
N ILE A 128 8.96 6.35 23.34
CA ILE A 128 8.76 7.80 23.32
C ILE A 128 7.54 8.12 22.49
N TYR A 129 6.59 8.78 23.11
CA TYR A 129 5.34 9.08 22.47
C TYR A 129 5.43 10.30 21.56
N PRO A 130 4.44 10.49 20.69
CA PRO A 130 4.35 11.66 19.83
C PRO A 130 4.50 12.97 20.54
N ALA A 131 3.95 13.10 21.73
CA ALA A 131 4.08 14.35 22.49
C ALA A 131 5.47 14.58 23.10
N GLY A 132 6.32 13.55 23.08
CA GLY A 132 7.69 13.66 23.59
C GLY A 132 7.90 13.28 25.05
N ASN A 133 6.84 12.86 25.75
CA ASN A 133 7.03 12.19 27.02
C ASN A 133 7.20 10.69 26.75
N PHE A 134 7.49 9.89 27.78
CA PHE A 134 7.91 8.51 27.56
C PHE A 134 7.70 7.59 28.75
N ILE A 135 7.79 6.29 28.49
CA ILE A 135 7.72 5.30 29.54
C ILE A 135 8.78 4.21 29.37
N GLU A 136 9.01 3.48 30.45
CA GLU A 136 10.01 2.45 30.54
C GLU A 136 9.39 1.06 30.72
N ALA A 137 9.92 0.08 30.00
CA ALA A 137 9.47 -1.32 30.11
C ALA A 137 9.80 -1.91 31.47
N THR A 138 8.97 -2.86 31.91
CA THR A 138 9.14 -3.55 33.18
C THR A 138 9.01 -5.08 32.96
N PRO A 139 9.27 -5.88 33.99
CA PRO A 139 9.01 -7.32 33.86
C PRO A 139 7.57 -7.66 33.44
N ASP A 140 6.60 -6.87 33.90
CA ASP A 140 5.20 -7.10 33.52
C ASP A 140 4.80 -6.62 32.15
N THR A 141 5.47 -5.58 31.65
CA THR A 141 5.28 -5.14 30.26
C THR A 141 6.68 -5.06 29.62
N PRO A 142 7.18 -6.21 29.16
CA PRO A 142 8.56 -6.36 28.68
C PRO A 142 8.81 -6.04 27.21
N PHE A 143 7.80 -5.65 26.46
CA PHE A 143 8.06 -5.22 25.09
C PHE A 143 7.24 -3.99 24.70
N PHE A 144 7.71 -3.29 23.65
CA PHE A 144 7.01 -2.18 23.04
C PHE A 144 6.96 -2.34 21.53
N GLN A 145 5.97 -1.71 20.91
CA GLN A 145 5.79 -1.75 19.46
C GLN A 145 5.38 -0.38 18.99
N ILE A 146 5.83 -0.01 17.80
CA ILE A 146 5.36 1.23 17.16
C ILE A 146 5.09 0.95 15.69
N GLY A 147 4.28 1.80 15.05
CA GLY A 147 3.85 1.61 13.65
C GLY A 147 2.51 0.94 13.57
N GLU A 148 2.34 -0.02 12.65
CA GLU A 148 1.18 -0.92 12.65
C GLU A 148 1.47 -2.12 13.53
N THR A 149 0.88 -2.14 14.72
CA THR A 149 1.32 -3.04 15.80
C THR A 149 0.34 -4.17 16.19
N LYS A 150 -0.93 -4.03 15.84
CA LYS A 150 -1.94 -4.89 16.41
C LYS A 150 -1.94 -6.28 15.84
N TYR A 151 -1.57 -6.41 14.59
CA TYR A 151 -1.50 -7.73 13.96
C TYR A 151 -0.47 -8.63 14.64
N GLY A 152 0.61 -8.03 15.11
CA GLY A 152 1.75 -8.76 15.64
C GLY A 152 1.79 -8.85 17.14
N LYS A 153 0.87 -8.18 17.83
CA LYS A 153 0.86 -8.19 19.28
C LYS A 153 0.51 -9.56 19.91
N PRO A 154 -0.47 -10.28 19.36
CA PRO A 154 -0.92 -11.51 20.04
C PRO A 154 0.17 -12.54 20.27
N ILE A 155 1.03 -12.77 19.29
CA ILE A 155 2.09 -13.74 19.47
C ILE A 155 3.11 -13.30 20.52
N LEU A 156 3.42 -12.01 20.54
CA LEU A 156 4.32 -11.45 21.57
C LEU A 156 3.70 -11.59 22.95
N ASP A 157 2.40 -11.32 23.08
CA ASP A 157 1.74 -11.54 24.39
C ASP A 157 1.80 -13.02 24.83
N ARG A 158 1.67 -13.94 23.89
CA ARG A 158 1.64 -15.37 24.23
C ARG A 158 2.97 -15.88 24.71
N VAL A 159 4.05 -15.39 24.11
CA VAL A 159 5.37 -15.98 24.30
C VAL A 159 6.31 -15.23 25.26
N ILE A 160 6.39 -13.91 25.15
CA ILE A 160 7.46 -13.16 25.82
C ILE A 160 7.26 -13.06 27.33
N THR A 161 8.27 -13.51 28.08
CA THR A 161 8.38 -13.25 29.50
C THR A 161 9.82 -12.85 29.76
N PRO A 162 10.10 -12.29 30.94
CA PRO A 162 11.48 -11.96 31.30
C PRO A 162 12.41 -13.15 31.19
N ASP A 163 11.87 -14.35 31.37
CA ASP A 163 12.69 -15.56 31.34
C ASP A 163 12.96 -16.09 29.92
N THR A 164 12.32 -15.54 28.91
CA THR A 164 12.49 -16.02 27.54
C THR A 164 13.92 -15.83 27.07
N SER A 165 14.43 -16.78 26.30
CA SER A 165 15.83 -16.72 25.81
C SER A 165 15.95 -15.74 24.64
N LEU A 166 17.15 -15.25 24.39
CA LEU A 166 17.36 -14.33 23.27
C LEU A 166 16.97 -14.97 21.95
N GLU A 167 17.30 -16.25 21.79
CA GLU A 167 16.95 -16.98 20.57
C GLU A 167 15.42 -16.99 20.36
N ASP A 168 14.67 -17.36 21.38
CA ASP A 168 13.22 -17.42 21.24
C ASP A 168 12.59 -16.05 21.02
N ALA A 169 13.11 -15.03 21.68
CA ALA A 169 12.57 -13.67 21.51
C ALA A 169 12.77 -13.18 20.10
N ALA A 170 13.92 -13.50 19.50
CA ALA A 170 14.14 -13.19 18.10
C ALA A 170 13.19 -13.94 17.16
N LYS A 171 13.01 -15.25 17.40
CA LYS A 171 11.99 -16.01 16.63
C LYS A 171 10.62 -15.37 16.73
N CYS A 172 10.24 -15.01 17.95
CA CYS A 172 8.94 -14.45 18.20
C CYS A 172 8.78 -13.12 17.48
N ALA A 173 9.79 -12.27 17.52
CA ALA A 173 9.75 -11.04 16.71
C ALA A 173 9.55 -11.33 15.21
N LEU A 174 10.28 -12.30 14.68
CA LEU A 174 10.19 -12.58 13.25
C LEU A 174 8.80 -13.10 12.83
N VAL A 175 8.25 -13.97 13.64
CA VAL A 175 6.93 -14.50 13.41
C VAL A 175 5.88 -13.38 13.51
N SER A 176 6.05 -12.51 14.48
CA SER A 176 5.26 -11.27 14.58
C SER A 176 5.27 -10.45 13.27
N PHE A 177 6.44 -10.33 12.64
CA PHE A 177 6.53 -9.64 11.37
C PHE A 177 5.87 -10.39 10.25
N ASP A 178 6.02 -11.70 10.24
CA ASP A 178 5.40 -12.54 9.21
C ASP A 178 3.91 -12.30 9.17
N SER A 179 3.26 -12.39 10.33
CA SER A 179 1.80 -12.21 10.42
C SER A 179 1.37 -10.81 10.00
N THR A 180 2.16 -9.82 10.41
CA THR A 180 1.88 -8.43 10.04
C THR A 180 2.01 -8.21 8.54
N MET A 181 3.07 -8.74 7.93
CA MET A 181 3.26 -8.58 6.49
C MET A 181 2.21 -9.28 5.65
N ARG A 182 1.74 -10.44 6.11
CA ARG A 182 0.65 -11.12 5.43
C ARG A 182 -0.66 -10.36 5.45
N SER A 183 -0.89 -9.57 6.50
CA SER A 183 -2.20 -9.01 6.73
C SER A 183 -2.28 -7.51 6.48
N ASN A 184 -1.15 -6.84 6.28
CA ASN A 184 -1.15 -5.40 6.09
C ASN A 184 -0.03 -4.96 5.17
N LEU A 185 -0.39 -4.30 4.08
CA LEU A 185 0.59 -3.98 3.04
C LEU A 185 1.47 -2.77 3.33
N SER A 186 1.33 -2.14 4.48
CA SER A 186 2.14 -0.97 4.78
C SER A 186 3.44 -1.39 5.49
N VAL A 187 3.56 -2.67 5.84
CA VAL A 187 4.83 -3.18 6.33
C VAL A 187 5.47 -4.20 5.37
N GLY A 188 6.80 -4.15 5.27
CA GLY A 188 7.53 -4.88 4.24
C GLY A 188 9.02 -5.01 4.42
N LEU A 189 9.58 -6.05 3.82
CA LEU A 189 11.03 -6.32 3.81
C LEU A 189 11.73 -5.28 3.00
N PRO A 190 13.03 -5.04 3.28
CA PRO A 190 13.89 -5.74 4.25
C PRO A 190 13.69 -5.35 5.70
N LEU A 191 13.93 -6.31 6.62
CA LEU A 191 13.98 -6.04 8.07
C LEU A 191 15.38 -5.90 8.55
N ASP A 192 15.51 -5.18 9.65
CA ASP A 192 16.73 -5.13 10.44
C ASP A 192 16.46 -5.85 11.76
N LEU A 193 17.44 -6.63 12.20
CA LEU A 193 17.35 -7.39 13.42
C LEU A 193 18.63 -7.23 14.23
N LEU A 194 18.50 -6.89 15.52
CA LEU A 194 19.65 -6.74 16.41
C LEU A 194 19.39 -7.45 17.72
N VAL A 195 20.34 -8.28 18.13
CA VAL A 195 20.23 -9.04 19.37
C VAL A 195 21.42 -8.70 20.26
N TYR A 196 21.12 -8.22 21.47
CA TYR A 196 22.14 -7.65 22.38
C TYR A 196 22.23 -8.50 23.64
N GLU A 197 23.42 -9.00 23.97
CA GLU A 197 23.62 -9.77 25.21
C GLU A 197 23.94 -8.88 26.41
N ARG A 198 23.20 -9.09 27.50
CA ARG A 198 23.42 -8.37 28.75
C ARG A 198 24.90 -8.32 29.14
N ASP A 199 25.37 -7.13 29.48
CA ASP A 199 26.76 -6.86 29.90
C ASP A 199 27.85 -7.06 28.85
N SER A 200 27.51 -7.29 27.59
CA SER A 200 28.55 -7.36 26.54
C SER A 200 29.10 -5.96 26.23
N LEU A 201 28.23 -4.96 26.22
CA LEU A 201 28.58 -3.57 25.88
C LEU A 201 29.16 -3.47 24.48
N ARG A 202 28.58 -4.28 23.59
CA ARG A 202 29.06 -4.49 22.24
C ARG A 202 27.85 -4.94 21.39
N VAL A 203 27.77 -4.54 20.13
CA VAL A 203 26.74 -5.08 19.26
C VAL A 203 27.14 -6.48 18.82
N GLY A 204 26.47 -7.50 19.36
CA GLY A 204 26.89 -8.90 19.14
C GLY A 204 26.41 -9.41 17.80
N HIS A 205 25.09 -9.41 17.62
CA HIS A 205 24.49 -9.86 16.37
C HIS A 205 23.57 -8.79 15.79
N ARG A 206 23.81 -8.48 14.52
CA ARG A 206 23.01 -7.51 13.81
C ARG A 206 23.04 -7.85 12.33
N ARG A 207 21.86 -7.99 11.73
CA ARG A 207 21.80 -8.17 10.29
C ARG A 207 20.52 -7.68 9.63
N ARG A 208 20.59 -7.65 8.31
CA ARG A 208 19.52 -7.29 7.43
C ARG A 208 18.95 -8.58 6.79
N ILE A 209 17.62 -8.71 6.84
CA ILE A 209 16.91 -9.87 6.32
C ILE A 209 16.10 -9.45 5.11
N ASP A 210 16.47 -9.93 3.93
CA ASP A 210 15.75 -9.57 2.69
C ASP A 210 14.86 -10.70 2.18
N GLU A 211 14.16 -10.45 1.08
CA GLU A 211 13.21 -11.42 0.51
C GLU A 211 13.83 -12.79 0.16
N ASP A 212 15.13 -12.84 -0.05
CA ASP A 212 15.83 -14.09 -0.37
C ASP A 212 16.42 -14.83 0.82
N ASP A 213 16.28 -14.28 2.04
CA ASP A 213 16.96 -14.87 3.19
C ASP A 213 16.50 -16.31 3.44
N PRO A 214 17.43 -17.28 3.37
CA PRO A 214 17.04 -18.68 3.57
C PRO A 214 16.41 -18.95 4.92
N TYR A 215 16.97 -18.40 5.99
CA TYR A 215 16.44 -18.68 7.31
C TYR A 215 14.99 -18.17 7.45
N PHE A 216 14.75 -16.91 7.04
CA PHE A 216 13.42 -16.34 7.22
C PHE A 216 12.40 -17.08 6.35
N ARG A 217 12.80 -17.54 5.18
CA ARG A 217 11.95 -18.42 4.36
C ARG A 217 11.62 -19.73 5.04
N MET A 218 12.62 -20.38 5.63
CA MET A 218 12.40 -21.61 6.36
C MET A 218 11.44 -21.39 7.52
N LEU A 219 11.65 -20.30 8.24
CA LEU A 219 10.85 -20.04 9.42
C LEU A 219 9.39 -19.86 9.03
N ARG A 220 9.13 -19.05 8.01
CA ARG A 220 7.77 -18.78 7.63
C ARG A 220 7.05 -20.06 7.19
N LYS A 221 7.76 -20.89 6.45
CA LYS A 221 7.19 -22.08 5.89
C LYS A 221 6.89 -23.09 6.99
N GLN A 222 7.77 -23.23 7.97
CA GLN A 222 7.53 -24.19 9.04
C GLN A 222 6.48 -23.68 10.02
N TRP A 223 6.42 -22.36 10.24
CA TRP A 223 5.39 -21.79 11.11
C TRP A 223 4.03 -22.00 10.49
N SER A 224 3.93 -21.69 9.22
CA SER A 224 2.73 -21.96 8.46
C SER A 224 2.27 -23.45 8.53
N GLU A 225 3.17 -24.39 8.25
CA GLU A 225 2.82 -25.83 8.33
C GLU A 225 2.40 -26.24 9.75
N GLY A 226 3.11 -25.74 10.76
CA GLY A 226 2.83 -26.11 12.15
C GLY A 226 1.55 -25.48 12.67
N LEU A 227 1.24 -24.27 12.22
CA LEU A 227 -0.02 -23.63 12.58
C LEU A 227 -1.20 -24.40 12.00
N ARG A 228 -1.10 -24.78 10.75
CA ARG A 228 -2.16 -25.53 10.14
C ARG A 228 -2.39 -26.90 10.81
N GLN A 229 -1.34 -27.55 11.27
CA GLN A 229 -1.51 -28.78 12.02
C GLN A 229 -2.18 -28.57 13.38
N ALA A 230 -1.81 -27.49 14.05
CA ALA A 230 -2.45 -27.16 15.32
C ALA A 230 -3.94 -26.87 15.12
N PHE A 231 -4.25 -26.09 14.09
CA PHE A 231 -5.63 -25.82 13.71
C PHE A 231 -6.41 -27.08 13.42
N ASP A 232 -5.85 -27.96 12.61
CA ASP A 232 -6.56 -29.14 12.17
C ASP A 232 -6.83 -30.14 13.31
N SER A 233 -6.06 -30.07 14.38
CA SER A 233 -6.25 -31.00 15.47
C SER A 233 -7.13 -30.40 16.61
N LEU A 234 -7.63 -29.18 16.43
CA LEU A 234 -8.60 -28.65 17.37
C LEU A 234 -9.86 -29.49 17.35
N PRO A 235 -10.52 -29.67 18.49
CA PRO A 235 -11.74 -30.47 18.58
C PRO A 235 -12.95 -29.89 17.88
N ASP A 236 -13.80 -30.78 17.38
CA ASP A 236 -15.01 -30.41 16.68
C ASP A 236 -16.16 -30.05 17.64
N PRO A 237 -17.06 -29.13 17.25
CA PRO A 237 -18.23 -28.79 18.05
C PRO A 237 -19.17 -29.97 18.25
N PRO A 238 -20.04 -29.92 19.28
CA PRO A 238 -21.04 -30.97 19.47
C PRO A 238 -22.23 -30.97 18.49
N TRP A 239 -22.70 -29.80 18.04
CA TRP A 239 -23.83 -29.67 17.01
C TRP A 239 -24.50 -31.01 16.64
N THR B 1 7.44 19.38 -17.47
CA THR B 1 8.17 19.38 -16.17
C THR B 1 8.42 17.97 -15.66
N TYR B 2 9.69 17.59 -15.71
CA TYR B 2 10.17 16.40 -15.08
C TYR B 2 11.62 16.69 -14.67
N CYS B 3 11.93 16.45 -13.38
CA CYS B 3 13.26 16.64 -12.87
C CYS B 3 13.67 15.47 -12.00
N VAL B 4 14.95 15.10 -12.11
CA VAL B 4 15.49 13.93 -11.42
C VAL B 4 16.81 14.26 -10.75
N GLY B 5 16.98 13.77 -9.52
CA GLY B 5 18.27 13.84 -8.85
C GLY B 5 18.65 12.45 -8.38
N ILE B 6 19.92 12.11 -8.54
CA ILE B 6 20.40 10.76 -8.23
C ILE B 6 21.67 10.83 -7.40
N ARG B 7 21.76 9.98 -6.38
CA ARG B 7 22.89 9.97 -5.49
C ARG B 7 23.63 8.62 -5.47
N LEU B 8 24.92 8.66 -5.72
CA LEU B 8 25.75 7.45 -5.85
C LEU B 8 27.00 7.58 -5.02
N ASP B 9 27.66 6.46 -4.77
CA ASP B 9 28.92 6.51 -4.06
C ASP B 9 29.90 7.43 -4.78
N GLU B 10 29.89 7.37 -6.11
CA GLU B 10 30.81 8.15 -6.96
C GLU B 10 30.48 9.64 -7.05
N GLY B 11 29.26 10.05 -6.66
CA GLY B 11 28.81 11.45 -6.86
C GLY B 11 27.32 11.67 -7.04
N LEU B 12 26.94 12.67 -7.84
CA LEU B 12 25.55 13.02 -8.07
C LEU B 12 25.27 13.28 -9.55
N VAL B 13 24.02 13.01 -9.95
CA VAL B 13 23.55 13.31 -11.29
C VAL B 13 22.21 14.03 -11.22
N PHE B 14 22.08 15.15 -11.94
CA PHE B 14 20.84 15.91 -12.00
C PHE B 14 20.39 16.10 -13.45
N ALA B 15 19.10 16.00 -13.71
CA ALA B 15 18.56 16.27 -15.02
C ALA B 15 17.19 16.91 -14.93
N SER B 16 16.91 17.84 -15.84
CA SER B 16 15.61 18.47 -15.88
C SER B 16 15.24 18.88 -17.30
N ASP B 17 13.94 18.92 -17.61
CA ASP B 17 13.45 19.37 -18.92
C ASP B 17 13.11 20.86 -18.84
N SER B 18 12.47 21.40 -19.86
CA SER B 18 12.17 22.82 -19.86
C SER B 18 10.73 23.20 -20.23
N ARG B 19 9.86 22.24 -20.45
CA ARG B 19 8.54 22.56 -20.93
C ARG B 19 7.68 22.96 -19.73
N THR B 20 7.06 24.12 -19.81
CA THR B 20 6.52 24.76 -18.65
C THR B 20 5.20 25.44 -18.96
N ASN B 21 4.24 25.27 -18.05
CA ASN B 21 3.02 26.09 -18.06
C ASN B 21 3.27 27.57 -17.69
N ALA B 22 3.17 28.46 -18.67
CA ALA B 22 3.45 29.86 -18.44
C ALA B 22 2.20 30.66 -18.69
N GLY B 23 1.08 30.17 -18.18
CA GLY B 23 -0.19 30.81 -18.40
C GLY B 23 -1.01 30.20 -19.52
N VAL B 24 -2.17 30.81 -19.71
CA VAL B 24 -3.26 30.23 -20.47
C VAL B 24 -2.90 30.20 -21.98
N ASP B 25 -3.02 29.02 -22.57
CA ASP B 25 -2.69 28.74 -24.00
C ASP B 25 -1.23 29.02 -24.30
N ASN B 26 -0.37 28.92 -23.29
CA ASN B 26 1.04 29.24 -23.45
C ASN B 26 1.87 28.24 -22.65
N ILE B 27 2.53 27.37 -23.38
CA ILE B 27 3.49 26.49 -22.82
C ILE B 27 4.77 26.96 -23.46
N SER B 28 5.78 27.29 -22.65
CA SER B 28 7.05 27.68 -23.23
C SER B 28 8.21 27.10 -22.47
N THR B 29 9.38 27.52 -22.91
CA THR B 29 10.64 26.99 -22.43
C THR B 29 11.16 27.87 -21.29
N PHE B 30 11.34 27.24 -20.15
CA PHE B 30 12.03 27.84 -18.99
C PHE B 30 12.96 26.80 -18.39
N ARG B 31 14.21 27.17 -18.19
CA ARG B 31 15.21 26.33 -17.54
C ARG B 31 14.82 26.04 -16.08
N LYS B 32 15.00 24.81 -15.62
CA LYS B 32 14.60 24.42 -14.26
C LYS B 32 15.74 23.99 -13.33
N MET B 33 16.98 24.19 -13.77
CA MET B 33 18.18 23.85 -13.04
C MET B 33 18.91 25.13 -12.72
N HIS B 34 19.28 25.28 -11.45
CA HIS B 34 20.00 26.45 -10.94
C HIS B 34 21.18 25.98 -10.10
N VAL B 35 22.33 26.58 -10.33
CA VAL B 35 23.58 26.14 -9.73
C VAL B 35 24.22 27.26 -8.92
N PHE B 36 24.59 26.94 -7.68
CA PHE B 36 25.30 27.84 -6.80
C PHE B 36 26.65 27.18 -6.52
N GLU B 37 27.72 27.83 -6.96
CA GLU B 37 29.04 27.22 -6.93
C GLU B 37 30.04 28.19 -6.31
N VAL B 38 30.81 27.71 -5.34
CA VAL B 38 32.08 28.37 -4.96
C VAL B 38 33.18 27.36 -5.25
N PRO B 39 33.91 27.54 -6.36
CA PRO B 39 34.79 26.46 -6.81
C PRO B 39 35.84 26.17 -5.75
N GLY B 40 36.00 24.89 -5.43
CA GLY B 40 36.90 24.45 -4.36
C GLY B 40 36.37 24.51 -2.94
N GLU B 41 35.14 25.01 -2.72
CA GLU B 41 34.51 24.96 -1.38
C GLU B 41 33.10 24.30 -1.41
N ARG B 42 32.27 24.56 -2.43
CA ARG B 42 30.95 23.92 -2.53
C ARG B 42 30.29 24.00 -3.89
N VAL B 43 29.42 23.03 -4.15
CA VAL B 43 28.52 23.06 -5.29
C VAL B 43 27.13 22.67 -4.82
N ILE B 44 26.14 23.49 -5.13
CA ILE B 44 24.74 23.21 -4.78
C ILE B 44 23.85 23.37 -6.00
N VAL B 45 22.99 22.40 -6.23
CA VAL B 45 22.15 22.41 -7.41
C VAL B 45 20.71 22.31 -6.99
N LEU B 46 19.88 23.17 -7.56
CA LEU B 46 18.46 23.24 -7.23
C LEU B 46 17.58 23.01 -8.50
N LEU B 47 16.68 22.03 -8.45
CA LEU B 47 15.74 21.77 -9.56
C LEU B 47 14.34 22.12 -9.09
N THR B 48 13.58 22.75 -9.98
CA THR B 48 12.26 23.27 -9.66
C THR B 48 11.10 22.58 -10.40
N ALA B 49 9.93 22.57 -9.79
CA ALA B 49 8.71 22.09 -10.45
C ALA B 49 7.48 22.77 -9.88
N GLY B 50 6.42 22.84 -10.69
CA GLY B 50 5.14 23.42 -10.28
C GLY B 50 4.95 24.80 -10.86
N ASN B 51 4.17 25.60 -10.19
CA ASN B 51 3.82 26.88 -10.69
C ASN B 51 5.04 27.78 -10.85
N LEU B 52 5.20 28.34 -12.04
CA LEU B 52 6.37 29.16 -12.39
C LEU B 52 6.45 30.46 -11.58
N ALA B 53 5.35 31.15 -11.39
CA ALA B 53 5.41 32.36 -10.56
C ALA B 53 5.93 32.05 -9.15
N THR B 54 5.53 30.90 -8.60
CA THR B 54 5.98 30.48 -7.28
C THR B 54 7.48 30.12 -7.31
N THR B 55 7.90 29.29 -8.25
CA THR B 55 9.31 28.89 -8.23
C THR B 55 10.23 30.09 -8.46
N GLN B 56 9.87 30.99 -9.36
CA GLN B 56 10.67 32.18 -9.58
C GLN B 56 10.72 33.07 -8.36
N ALA B 57 9.64 33.15 -7.60
CA ALA B 57 9.65 33.97 -6.38
C ALA B 57 10.52 33.33 -5.27
N VAL B 58 10.55 32.01 -5.22
CA VAL B 58 11.40 31.30 -4.28
C VAL B 58 12.85 31.57 -4.62
N ILE B 59 13.21 31.32 -5.86
CA ILE B 59 14.56 31.61 -6.32
C ILE B 59 14.97 33.06 -6.03
N SER B 60 14.08 34.00 -6.26
CA SER B 60 14.39 35.40 -6.01
C SER B 60 14.69 35.66 -4.53
N LEU B 61 13.98 34.96 -3.67
CA LEU B 61 14.12 35.10 -2.23
C LEU B 61 15.46 34.54 -1.74
N LEU B 62 15.88 33.42 -2.32
CA LEU B 62 17.13 32.77 -1.99
C LEU B 62 18.35 33.50 -2.49
N GLU B 63 18.18 34.38 -3.47
CA GLU B 63 19.29 35.19 -4.01
C GLU B 63 19.36 36.59 -3.42
N GLU B 64 18.43 36.95 -2.54
CA GLU B 64 18.37 38.33 -2.04
C GLU B 64 19.70 38.74 -1.41
N ARG B 65 20.30 39.78 -1.98
CA ARG B 65 21.73 40.13 -1.80
C ARG B 65 22.21 40.39 -0.36
N LEU B 66 21.34 40.96 0.47
CA LEU B 66 21.72 41.39 1.83
C LEU B 66 20.94 40.60 2.91
N LYS B 67 21.21 39.29 3.00
CA LYS B 67 20.59 38.40 4.00
C LYS B 67 21.56 38.18 5.19
N ASP B 68 21.07 37.60 6.28
CA ASP B 68 21.85 37.45 7.54
C ASP B 68 22.93 36.34 7.41
N PRO B 69 23.84 36.21 8.42
CA PRO B 69 24.94 35.22 8.31
C PRO B 69 24.47 33.76 8.35
N GLU B 70 24.90 32.95 7.36
CA GLU B 70 24.47 31.53 7.19
C GLU B 70 23.02 31.34 6.65
N GLU B 71 22.43 32.42 6.13
CA GLU B 71 21.04 32.43 5.67
C GLU B 71 20.89 32.50 4.14
N ARG B 72 22.00 32.42 3.39
CA ARG B 72 21.98 32.30 1.91
C ARG B 72 22.43 30.87 1.56
N LEU B 73 22.02 30.35 0.41
CA LEU B 73 22.46 29.00 0.01
C LEU B 73 24.00 28.84 -0.06
N LEU B 74 24.70 29.87 -0.53
CA LEU B 74 26.17 29.85 -0.60
C LEU B 74 26.87 29.84 0.77
N THR B 75 26.20 30.28 1.83
CA THR B 75 26.81 30.34 3.17
C THR B 75 26.19 29.37 4.20
N ALA B 76 25.29 28.51 3.78
CA ALA B 76 24.69 27.57 4.70
C ALA B 76 25.75 26.57 5.17
N PRO B 77 25.75 26.25 6.45
CA PRO B 77 26.80 25.39 6.99
C PRO B 77 26.65 23.90 6.66
N SER B 78 25.50 23.48 6.19
CA SER B 78 25.31 22.07 5.80
C SER B 78 24.17 21.99 4.79
N MET B 79 24.15 20.94 4.01
CA MET B 79 23.07 20.74 3.06
C MET B 79 21.70 20.60 3.75
N PHE B 80 21.68 20.05 4.95
CA PHE B 80 20.43 19.99 5.71
C PHE B 80 19.91 21.41 5.96
N GLU B 81 20.77 22.31 6.41
CA GLU B 81 20.37 23.71 6.58
C GLU B 81 20.00 24.40 5.25
N ALA B 82 20.69 24.05 4.17
CA ALA B 82 20.33 24.56 2.85
C ALA B 82 18.89 24.21 2.48
N ALA B 83 18.53 22.95 2.68
CA ALA B 83 17.20 22.44 2.36
C ALA B 83 16.16 23.16 3.19
N ARG B 84 16.47 23.38 4.44
CA ARG B 84 15.61 24.13 5.31
C ARG B 84 15.40 25.56 4.80
N LEU B 85 16.41 26.17 4.21
CA LEU B 85 16.24 27.50 3.62
C LEU B 85 15.28 27.49 2.45
N VAL B 86 15.37 26.48 1.61
CA VAL B 86 14.49 26.40 0.46
C VAL B 86 13.05 26.24 0.91
N GLY B 87 12.84 25.33 1.84
CA GLY B 87 11.53 25.13 2.44
C GLY B 87 10.94 26.36 3.12
N GLU B 88 11.76 27.12 3.84
CA GLU B 88 11.28 28.33 4.50
C GLU B 88 10.92 29.43 3.49
N ALA B 89 11.69 29.52 2.42
CA ALA B 89 11.41 30.46 1.36
C ALA B 89 10.08 30.11 0.67
N LEU B 90 9.87 28.84 0.40
CA LEU B 90 8.62 28.36 -0.13
C LEU B 90 7.45 28.75 0.76
N ARG B 91 7.56 28.58 2.06
CA ARG B 91 6.45 28.99 2.95
C ARG B 91 6.21 30.46 2.99
N GLU B 92 7.29 31.25 2.96
CA GLU B 92 7.19 32.70 2.92
C GLU B 92 6.46 33.15 1.64
N VAL B 93 6.80 32.57 0.49
CA VAL B 93 6.11 32.90 -0.75
C VAL B 93 4.63 32.49 -0.74
N GLN B 94 4.31 31.31 -0.22
CA GLN B 94 2.92 30.86 -0.17
C GLN B 94 2.03 31.70 0.76
N ALA B 95 2.57 32.28 1.82
CA ALA B 95 1.78 33.21 2.64
C ALA B 95 1.48 34.57 1.96
N ARG B 96 2.01 34.80 0.75
CA ARG B 96 1.70 35.99 -0.06
C ARG B 96 0.81 35.57 -1.23
N ASP B 107 -3.80 26.81 -9.30
CA ASP B 107 -2.92 26.00 -8.42
C ASP B 107 -1.47 26.55 -8.33
N PHE B 108 -1.13 27.11 -7.17
CA PHE B 108 0.16 27.79 -6.95
C PHE B 108 1.25 26.93 -6.30
N ASN B 109 1.02 25.63 -6.15
CA ASN B 109 2.02 24.77 -5.49
C ASN B 109 3.29 24.54 -6.29
N ALA B 110 4.36 24.24 -5.55
CA ALA B 110 5.67 24.05 -6.13
C ALA B 110 6.46 23.06 -5.32
N SER B 111 7.55 22.61 -5.90
CA SER B 111 8.29 21.48 -5.35
C SER B 111 9.74 21.49 -5.86
N PHE B 112 10.69 20.99 -5.07
CA PHE B 112 12.11 21.15 -5.41
C PHE B 112 12.97 19.94 -5.07
N ILE B 113 14.09 19.83 -5.77
CA ILE B 113 15.12 18.88 -5.44
C ILE B 113 16.38 19.67 -5.23
N LEU B 114 17.08 19.40 -4.14
CA LEU B 114 18.26 20.15 -3.77
C LEU B 114 19.34 19.18 -3.44
N GLY B 115 20.50 19.34 -4.06
CA GLY B 115 21.64 18.48 -3.72
C GLY B 115 22.96 19.13 -3.98
N GLY B 116 24.03 18.49 -3.51
CA GLY B 116 25.38 19.02 -3.72
C GLY B 116 26.33 18.53 -2.67
N GLN B 117 27.45 19.24 -2.53
CA GLN B 117 28.47 18.88 -1.56
C GLN B 117 29.14 20.14 -1.01
N ILE B 118 29.33 20.16 0.30
CA ILE B 118 30.00 21.25 0.98
C ILE B 118 31.28 20.66 1.55
N ALA B 119 32.41 21.34 1.42
CA ALA B 119 33.71 20.77 1.84
C ALA B 119 33.65 20.08 3.22
N GLY B 120 34.21 18.86 3.32
CA GLY B 120 34.27 18.11 4.59
C GLY B 120 32.97 17.44 5.05
N GLU B 121 32.09 17.20 4.09
CA GLU B 121 30.79 16.64 4.34
C GLU B 121 30.62 15.80 3.05
N PRO B 122 29.97 14.64 3.12
CA PRO B 122 29.78 13.97 1.84
C PRO B 122 28.72 14.64 0.94
N PRO B 123 28.57 14.16 -0.30
CA PRO B 123 27.50 14.63 -1.15
C PRO B 123 26.14 14.20 -0.61
N ARG B 124 25.15 15.09 -0.72
CA ARG B 124 23.81 14.84 -0.17
C ARG B 124 22.72 15.30 -1.13
N LEU B 125 21.53 14.73 -0.97
CA LEU B 125 20.41 14.96 -1.88
C LEU B 125 19.10 15.01 -1.12
N PHE B 126 18.29 16.06 -1.38
CA PHE B 126 17.03 16.29 -0.67
C PHE B 126 15.85 16.51 -1.60
N LEU B 127 14.66 16.18 -1.11
CA LEU B 127 13.39 16.49 -1.78
C LEU B 127 12.61 17.45 -0.89
N ILE B 128 12.22 18.60 -1.42
CA ILE B 128 11.42 19.55 -0.68
C ILE B 128 9.98 19.49 -1.19
N TYR B 129 9.07 19.18 -0.28
CA TYR B 129 7.67 19.04 -0.62
C TYR B 129 6.95 20.40 -0.71
N PRO B 130 5.77 20.42 -1.33
CA PRO B 130 4.92 21.61 -1.39
C PRO B 130 4.69 22.32 -0.08
N ALA B 131 4.55 21.57 1.00
CA ALA B 131 4.37 22.20 2.32
C ALA B 131 5.64 22.82 2.92
N GLY B 132 6.79 22.53 2.31
CA GLY B 132 8.05 23.11 2.75
C GLY B 132 8.84 22.30 3.76
N ASN B 133 8.34 21.13 4.15
CA ASN B 133 9.19 20.17 4.84
C ASN B 133 9.93 19.31 3.79
N PHE B 134 10.83 18.42 4.21
CA PHE B 134 11.71 17.74 3.26
C PHE B 134 12.28 16.44 3.79
N ILE B 135 12.83 15.66 2.88
CA ILE B 135 13.52 14.43 3.22
C ILE B 135 14.84 14.27 2.47
N GLU B 136 15.69 13.39 2.98
CA GLU B 136 17.02 13.14 2.46
C GLU B 136 17.15 11.73 1.88
N ALA B 137 17.79 11.64 0.72
CA ALA B 137 18.02 10.36 0.07
C ALA B 137 18.99 9.49 0.87
N THR B 138 18.84 8.17 0.75
CA THR B 138 19.67 7.18 1.46
C THR B 138 20.14 6.10 0.45
N PRO B 139 21.01 5.19 0.88
CA PRO B 139 21.36 4.07 0.00
C PRO B 139 20.15 3.29 -0.52
N ASP B 140 19.12 3.14 0.32
CA ASP B 140 17.93 2.36 -0.06
C ASP B 140 16.95 3.14 -0.93
N THR B 141 16.93 4.45 -0.81
CA THR B 141 16.15 5.31 -1.73
C THR B 141 17.09 6.39 -2.28
N PRO B 142 17.88 6.04 -3.31
CA PRO B 142 18.97 6.87 -3.82
C PRO B 142 18.60 7.90 -4.87
N PHE B 143 17.34 7.99 -5.27
CA PHE B 143 16.94 9.03 -6.21
C PHE B 143 15.58 9.63 -5.87
N PHE B 144 15.36 10.84 -6.39
CA PHE B 144 14.11 11.54 -6.27
C PHE B 144 13.70 12.08 -7.62
N GLN B 145 12.39 12.29 -7.78
CA GLN B 145 11.82 12.83 -9.00
C GLN B 145 10.72 13.82 -8.62
N ILE B 146 10.57 14.88 -9.42
CA ILE B 146 9.45 15.81 -9.28
C ILE B 146 8.89 16.11 -10.68
N GLY B 147 7.64 16.57 -10.73
CA GLY B 147 6.95 16.83 -11.99
C GLY B 147 6.09 15.64 -12.37
N GLU B 148 6.08 15.27 -13.65
CA GLU B 148 5.46 14.01 -14.11
C GLU B 148 6.50 12.90 -14.02
N THR B 149 6.37 12.06 -13.03
CA THR B 149 7.45 11.18 -12.63
C THR B 149 7.22 9.68 -12.89
N LYS B 150 5.96 9.27 -13.04
CA LYS B 150 5.66 7.85 -13.00
C LYS B 150 6.10 7.10 -14.23
N TYR B 151 6.09 7.76 -15.39
CA TYR B 151 6.49 7.14 -16.64
C TYR B 151 7.95 6.72 -16.59
N GLY B 152 8.76 7.51 -15.89
CA GLY B 152 10.21 7.33 -15.88
C GLY B 152 10.75 6.59 -14.68
N LYS B 153 9.89 6.27 -13.71
CA LYS B 153 10.35 5.62 -12.47
C LYS B 153 10.79 4.19 -12.66
N PRO B 154 10.08 3.39 -13.44
CA PRO B 154 10.47 1.99 -13.57
C PRO B 154 11.93 1.72 -13.97
N ILE B 155 12.45 2.43 -14.94
CA ILE B 155 13.82 2.19 -15.37
C ILE B 155 14.82 2.61 -14.29
N LEU B 156 14.54 3.69 -13.57
CA LEU B 156 15.37 4.11 -12.44
C LEU B 156 15.33 3.06 -11.34
N ASP B 157 14.16 2.49 -11.06
CA ASP B 157 14.09 1.42 -10.04
C ASP B 157 14.91 0.18 -10.46
N ARG B 158 14.91 -0.14 -11.75
CA ARG B 158 15.60 -1.33 -12.21
C ARG B 158 17.10 -1.20 -12.12
N VAL B 159 17.62 -0.01 -12.38
CA VAL B 159 19.07 0.15 -12.60
C VAL B 159 19.84 0.77 -11.41
N ILE B 160 19.29 1.82 -10.80
CA ILE B 160 20.08 2.61 -9.87
C ILE B 160 20.32 1.90 -8.55
N THR B 161 21.59 1.76 -8.20
CA THR B 161 22.01 1.42 -6.85
C THR B 161 23.14 2.39 -6.46
N PRO B 162 23.45 2.48 -5.17
CA PRO B 162 24.65 3.24 -4.74
C PRO B 162 25.93 2.88 -5.51
N ASP B 163 26.04 1.64 -5.99
CA ASP B 163 27.23 1.20 -6.68
C ASP B 163 27.25 1.59 -8.18
N THR B 164 26.16 2.12 -8.70
CA THR B 164 26.10 2.47 -10.10
C THR B 164 27.09 3.57 -10.44
N SER B 165 27.70 3.50 -11.62
CA SER B 165 28.69 4.51 -12.05
C SER B 165 28.00 5.79 -12.48
N LEU B 166 28.72 6.89 -12.47
CA LEU B 166 28.17 8.15 -12.95
C LEU B 166 27.70 8.06 -14.39
N GLU B 167 28.47 7.38 -15.24
CA GLU B 167 28.11 7.22 -16.65
C GLU B 167 26.77 6.51 -16.77
N ASP B 168 26.60 5.39 -16.09
CA ASP B 168 25.34 4.64 -16.19
C ASP B 168 24.16 5.37 -15.61
N ALA B 169 24.36 6.10 -14.52
CA ALA B 169 23.27 6.87 -13.92
C ALA B 169 22.81 7.97 -14.86
N ALA B 170 23.73 8.63 -15.55
CA ALA B 170 23.34 9.61 -16.56
C ALA B 170 22.57 8.97 -17.74
N LYS B 171 23.06 7.84 -18.25
CA LYS B 171 22.29 7.09 -19.28
C LYS B 171 20.89 6.79 -18.80
N CYS B 172 20.80 6.29 -17.58
CA CYS B 172 19.53 5.89 -17.02
C CYS B 172 18.59 7.09 -16.90
N ALA B 173 19.09 8.22 -16.45
CA ALA B 173 18.29 9.43 -16.46
C ALA B 173 17.79 9.78 -17.87
N LEU B 174 18.65 9.71 -18.87
CA LEU B 174 18.24 10.10 -20.21
C LEU B 174 17.15 9.19 -20.80
N VAL B 175 17.29 7.91 -20.54
CA VAL B 175 16.33 6.91 -21.00
C VAL B 175 15.00 7.13 -20.29
N SER B 176 15.08 7.45 -19.01
CA SER B 176 13.90 7.87 -18.24
C SER B 176 13.16 9.04 -18.88
N PHE B 177 13.91 10.01 -19.39
CA PHE B 177 13.28 11.15 -20.06
C PHE B 177 12.68 10.74 -21.38
N ASP B 178 13.38 9.86 -22.10
CA ASP B 178 12.91 9.40 -23.40
C ASP B 178 11.51 8.80 -23.28
N SER B 179 11.36 7.87 -22.36
CA SER B 179 10.08 7.20 -22.16
C SER B 179 9.01 8.17 -21.71
N THR B 180 9.38 9.11 -20.84
CA THR B 180 8.45 10.13 -20.39
C THR B 180 7.99 11.02 -21.54
N MET B 181 8.93 11.50 -22.34
CA MET B 181 8.55 12.37 -23.49
C MET B 181 7.68 11.67 -24.53
N ARG B 182 7.91 10.38 -24.74
CA ARG B 182 7.07 9.61 -25.66
C ARG B 182 5.64 9.46 -25.19
N SER B 183 5.43 9.45 -23.89
CA SER B 183 4.16 9.07 -23.36
C SER B 183 3.37 10.23 -22.78
N ASN B 184 3.98 11.39 -22.62
CA ASN B 184 3.31 12.51 -21.98
C ASN B 184 3.80 13.82 -22.57
N LEU B 185 2.88 14.61 -23.13
CA LEU B 185 3.27 15.84 -23.84
C LEU B 185 3.57 17.07 -22.96
N SER B 186 3.52 16.93 -21.65
CA SER B 186 3.82 18.08 -20.77
C SER B 186 5.32 18.14 -20.46
N VAL B 187 6.07 17.12 -20.85
CA VAL B 187 7.53 17.20 -20.75
C VAL B 187 8.21 17.22 -22.13
N GLY B 188 9.30 17.98 -22.22
CA GLY B 188 9.92 18.31 -23.53
C GLY B 188 11.30 18.95 -23.49
N LEU B 189 12.05 18.74 -24.57
CA LEU B 189 13.37 19.31 -24.77
C LEU B 189 13.30 20.81 -24.91
N PRO B 190 14.39 21.52 -24.60
CA PRO B 190 15.70 21.02 -24.20
C PRO B 190 15.79 20.55 -22.76
N LEU B 191 16.68 19.57 -22.51
CA LEU B 191 17.05 19.16 -21.15
C LEU B 191 18.32 19.80 -20.72
N ASP B 192 18.48 19.90 -19.40
CA ASP B 192 19.74 20.21 -18.76
C ASP B 192 20.21 18.94 -18.04
N LEU B 193 21.52 18.70 -18.12
CA LEU B 193 22.17 17.57 -17.47
C LEU B 193 23.44 18.04 -16.74
N LEU B 194 23.58 17.63 -15.48
CA LEU B 194 24.76 17.96 -14.69
C LEU B 194 25.25 16.71 -13.94
N VAL B 195 26.54 16.42 -14.09
CA VAL B 195 27.17 15.27 -13.46
C VAL B 195 28.30 15.76 -12.57
N TYR B 196 28.21 15.44 -11.28
CA TYR B 196 29.11 15.98 -10.23
C TYR B 196 29.94 14.84 -9.62
N GLU B 197 31.26 14.95 -9.68
CA GLU B 197 32.14 13.95 -9.08
C GLU B 197 32.42 14.21 -7.60
N ARG B 198 32.19 13.19 -6.77
CA ARG B 198 32.46 13.25 -5.35
C ARG B 198 33.82 13.90 -5.04
N ASP B 199 33.80 14.87 -4.12
CA ASP B 199 35.01 15.60 -3.67
C ASP B 199 35.67 16.52 -4.69
N SER B 200 35.09 16.76 -5.85
CA SER B 200 35.69 17.71 -6.81
C SER B 200 35.46 19.14 -6.33
N LEU B 201 34.28 19.40 -5.75
CA LEU B 201 33.89 20.75 -5.30
C LEU B 201 33.92 21.76 -6.45
N ARG B 202 33.50 21.28 -7.60
CA ARG B 202 33.58 21.98 -8.86
C ARG B 202 32.49 21.40 -9.78
N VAL B 203 31.87 22.22 -10.62
CA VAL B 203 30.94 21.66 -11.61
C VAL B 203 31.77 21.06 -12.74
N GLY B 204 31.80 19.72 -12.81
CA GLY B 204 32.68 19.05 -13.78
C GLY B 204 32.04 19.04 -15.16
N HIS B 205 30.87 18.42 -15.26
CA HIS B 205 30.18 18.32 -16.49
C HIS B 205 28.79 18.87 -16.39
N ARG B 206 28.47 19.77 -17.32
CA ARG B 206 27.15 20.35 -17.39
C ARG B 206 26.86 20.73 -18.81
N ARG B 207 25.74 20.26 -19.35
CA ARG B 207 25.31 20.74 -20.67
C ARG B 207 23.81 20.71 -20.91
N ARG B 208 23.45 21.34 -22.02
CA ARG B 208 22.11 21.43 -22.53
C ARG B 208 21.98 20.47 -23.75
N ILE B 209 20.94 19.65 -23.73
CA ILE B 209 20.66 18.69 -24.77
C ILE B 209 19.41 19.12 -25.55
N ASP B 210 19.58 19.49 -26.81
CA ASP B 210 18.45 19.93 -27.63
C ASP B 210 18.01 18.89 -28.66
N GLU B 211 16.96 19.20 -29.41
CA GLU B 211 16.38 18.24 -30.40
C GLU B 211 17.38 17.73 -31.45
N ASP B 212 18.46 18.47 -31.67
CA ASP B 212 19.48 18.07 -32.65
C ASP B 212 20.65 17.29 -32.06
N ASP B 213 20.68 17.07 -30.75
CA ASP B 213 21.86 16.48 -30.13
C ASP B 213 22.16 15.09 -30.68
N PRO B 214 23.32 14.91 -31.30
CA PRO B 214 23.66 13.60 -31.87
C PRO B 214 23.66 12.48 -30.86
N TYR B 215 24.24 12.68 -29.69
CA TYR B 215 24.28 11.61 -28.71
C TYR B 215 22.87 11.17 -28.30
N PHE B 216 22.02 12.12 -27.94
CA PHE B 216 20.70 11.76 -27.41
C PHE B 216 19.87 11.09 -28.50
N ARG B 217 20.04 11.50 -29.74
CA ARG B 217 19.43 10.77 -30.88
C ARG B 217 19.91 9.33 -30.98
N MET B 218 21.23 9.12 -30.88
CA MET B 218 21.79 7.77 -30.95
C MET B 218 21.25 6.92 -29.82
N LEU B 219 21.19 7.48 -28.63
CA LEU B 219 20.76 6.75 -27.47
C LEU B 219 19.31 6.28 -27.65
N ARG B 220 18.43 7.19 -28.04
CA ARG B 220 17.03 6.84 -28.18
C ARG B 220 16.80 5.75 -29.21
N LYS B 221 17.52 5.85 -30.31
CA LYS B 221 17.36 4.92 -31.39
C LYS B 221 17.87 3.54 -31.03
N GLN B 222 19.00 3.47 -30.32
CA GLN B 222 19.52 2.17 -29.90
C GLN B 222 18.73 1.55 -28.76
N TRP B 223 18.21 2.36 -27.87
CA TRP B 223 17.38 1.86 -26.79
C TRP B 223 16.11 1.26 -27.35
N SER B 224 15.50 2.00 -28.24
CA SER B 224 14.32 1.52 -28.94
C SER B 224 14.56 0.19 -29.65
N GLU B 225 15.62 0.07 -30.44
CA GLU B 225 15.92 -1.19 -31.14
C GLU B 225 16.21 -2.33 -30.13
N GLY B 226 16.94 -2.03 -29.06
CA GLY B 226 17.36 -3.06 -28.11
C GLY B 226 16.24 -3.53 -27.21
N LEU B 227 15.35 -2.63 -26.88
CA LEU B 227 14.19 -2.97 -26.13
C LEU B 227 13.24 -3.86 -26.96
N ARG B 228 13.03 -3.55 -28.22
CA ARG B 228 12.23 -4.41 -29.08
C ARG B 228 12.81 -5.80 -29.26
N GLN B 229 14.13 -5.92 -29.33
CA GLN B 229 14.74 -7.25 -29.41
C GLN B 229 14.56 -8.05 -28.14
N ALA B 230 14.68 -7.39 -26.99
CA ALA B 230 14.47 -8.06 -25.70
C ALA B 230 13.03 -8.56 -25.60
N PHE B 231 12.09 -7.68 -25.99
CA PHE B 231 10.68 -8.04 -26.02
C PHE B 231 10.42 -9.21 -26.94
N ASP B 232 10.97 -9.18 -28.16
CA ASP B 232 10.68 -10.20 -29.16
C ASP B 232 11.24 -11.56 -28.80
N SER B 233 12.23 -11.61 -27.93
CA SER B 233 12.79 -12.90 -27.54
C SER B 233 12.14 -13.48 -26.26
N LEU B 234 11.18 -12.77 -25.67
CA LEU B 234 10.40 -13.35 -24.57
C LEU B 234 9.49 -14.46 -25.07
N PRO B 235 9.23 -15.46 -24.24
CA PRO B 235 8.35 -16.55 -24.62
C PRO B 235 6.87 -16.14 -24.69
N ASP B 236 6.13 -16.79 -25.58
CA ASP B 236 4.70 -16.54 -25.74
C ASP B 236 3.87 -17.24 -24.66
N PRO B 237 2.74 -16.62 -24.27
CA PRO B 237 1.85 -17.27 -23.30
C PRO B 237 1.45 -18.67 -23.74
N PRO B 238 1.42 -19.62 -22.80
CA PRO B 238 1.31 -21.05 -23.14
C PRO B 238 -0.06 -21.64 -23.52
N TRP B 239 -1.14 -21.27 -22.84
CA TRP B 239 -2.51 -21.88 -23.09
C TRP B 239 -2.51 -23.39 -23.42
N THR C 1 -15.91 -4.37 21.33
CA THR C 1 -16.58 -4.48 20.01
C THR C 1 -15.67 -5.09 18.95
N TYR C 2 -16.01 -6.32 18.58
CA TYR C 2 -15.44 -6.98 17.44
C TYR C 2 -16.53 -7.88 16.87
N CYS C 3 -16.78 -7.76 15.57
CA CYS C 3 -17.77 -8.60 14.89
C CYS C 3 -17.21 -9.12 13.58
N VAL C 4 -17.58 -10.35 13.25
CA VAL C 4 -17.05 -11.00 12.06
C VAL C 4 -18.17 -11.73 11.31
N GLY C 5 -18.13 -11.62 9.99
CA GLY C 5 -19.02 -12.37 9.11
C GLY C 5 -18.19 -13.09 8.07
N ILE C 6 -18.54 -14.37 7.83
CA ILE C 6 -17.78 -15.23 6.95
C ILE C 6 -18.69 -15.93 5.95
N ARG C 7 -18.26 -16.01 4.71
CA ARG C 7 -19.06 -16.60 3.67
C ARG C 7 -18.35 -17.76 2.98
N LEU C 8 -19.02 -18.92 2.93
CA LEU C 8 -18.43 -20.16 2.40
C LEU C 8 -19.39 -20.82 1.42
N ASP C 9 -18.88 -21.74 0.62
CA ASP C 9 -19.74 -22.51 -0.26
C ASP C 9 -20.87 -23.18 0.54
N GLU C 10 -20.53 -23.71 1.72
CA GLU C 10 -21.45 -24.42 2.58
C GLU C 10 -22.48 -23.54 3.31
N GLY C 11 -22.26 -22.23 3.39
CA GLY C 11 -23.13 -21.34 4.16
C GLY C 11 -22.48 -20.08 4.73
N LEU C 12 -22.92 -19.64 5.90
CA LEU C 12 -22.42 -18.41 6.53
C LEU C 12 -22.15 -18.60 8.02
N VAL C 13 -21.19 -17.85 8.54
CA VAL C 13 -20.89 -17.85 9.98
C VAL C 13 -20.76 -16.41 10.48
N PHE C 14 -21.46 -16.11 11.56
CA PHE C 14 -21.41 -14.77 12.17
C PHE C 14 -21.02 -14.86 13.63
N ALA C 15 -20.20 -13.94 14.10
CA ALA C 15 -19.85 -13.89 15.51
C ALA C 15 -19.66 -12.45 15.98
N SER C 16 -20.06 -12.17 17.23
CA SER C 16 -19.87 -10.85 17.78
C SER C 16 -19.71 -10.89 19.25
N ASP C 17 -18.97 -9.93 19.81
CA ASP C 17 -18.79 -9.82 21.27
C ASP C 17 -19.84 -8.87 21.84
N SER C 18 -19.71 -8.48 23.10
CA SER C 18 -20.73 -7.64 23.72
C SER C 18 -20.21 -6.47 24.51
N ARG C 19 -18.91 -6.27 24.53
CA ARG C 19 -18.36 -5.21 25.38
C ARG C 19 -18.51 -3.90 24.64
N THR C 20 -19.15 -2.94 25.29
CA THR C 20 -19.63 -1.77 24.63
C THR C 20 -19.40 -0.52 25.44
N ASN C 21 -18.93 0.52 24.77
CA ASN C 21 -18.93 1.87 25.35
C ASN C 21 -20.36 2.46 25.54
N ALA C 22 -20.82 2.56 26.78
CA ALA C 22 -22.16 3.04 27.07
C ALA C 22 -22.07 4.31 27.87
N GLY C 23 -21.18 5.19 27.46
CA GLY C 23 -20.97 6.42 28.20
C GLY C 23 -19.81 6.38 29.16
N VAL C 24 -19.63 7.50 29.84
CA VAL C 24 -18.39 7.84 30.54
C VAL C 24 -18.23 6.96 31.79
N ASP C 25 -17.07 6.30 31.90
CA ASP C 25 -16.73 5.35 32.99
C ASP C 25 -17.69 4.17 33.05
N ASN C 26 -18.32 3.84 31.91
CA ASN C 26 -19.33 2.78 31.86
C ASN C 26 -19.15 1.99 30.58
N ILE C 27 -18.63 0.80 30.77
CA ILE C 27 -18.52 -0.13 29.70
C ILE C 27 -19.45 -1.22 30.14
N SER C 28 -20.42 -1.59 29.30
CA SER C 28 -21.30 -2.67 29.69
C SER C 28 -21.59 -3.58 28.55
N THR C 29 -22.44 -4.53 28.85
CA THR C 29 -22.79 -5.60 27.96
C THR C 29 -24.04 -5.22 27.14
N PHE C 30 -23.88 -5.23 25.84
CA PHE C 30 -24.98 -5.08 24.90
C PHE C 30 -24.74 -6.04 23.74
N ARG C 31 -25.76 -6.82 23.42
CA ARG C 31 -25.74 -7.77 22.31
C ARG C 31 -25.64 -7.03 20.98
N LYS C 32 -24.84 -7.55 20.06
CA LYS C 32 -24.59 -6.86 18.77
C LYS C 32 -25.07 -7.61 17.54
N MET C 33 -25.79 -8.70 17.76
CA MET C 33 -26.31 -9.57 16.71
C MET C 33 -27.83 -9.51 16.75
N HIS C 34 -28.42 -9.27 15.59
CA HIS C 34 -29.85 -9.15 15.41
C HIS C 34 -30.27 -10.00 14.23
N VAL C 35 -31.33 -10.79 14.43
CA VAL C 35 -31.78 -11.76 13.46
C VAL C 35 -33.20 -11.48 13.00
N PHE C 36 -33.40 -11.47 11.69
CA PHE C 36 -34.73 -11.34 11.07
C PHE C 36 -34.96 -12.62 10.27
N GLU C 37 -35.95 -13.40 10.69
CA GLU C 37 -36.16 -14.73 10.15
C GLU C 37 -37.63 -14.91 9.75
N VAL C 38 -37.86 -15.38 8.53
CA VAL C 38 -39.14 -15.99 8.18
C VAL C 38 -38.84 -17.43 7.80
N PRO C 39 -39.13 -18.36 8.72
CA PRO C 39 -38.62 -19.72 8.51
C PRO C 39 -39.15 -20.31 7.23
N GLY C 40 -38.24 -20.85 6.41
CA GLY C 40 -38.59 -21.38 5.09
C GLY C 40 -38.66 -20.37 3.93
N GLU C 41 -38.47 -19.08 4.20
CA GLU C 41 -38.39 -18.09 3.11
C GLU C 41 -37.11 -17.24 3.20
N ARG C 42 -36.66 -16.85 4.40
CA ARG C 42 -35.40 -16.08 4.52
C ARG C 42 -34.83 -16.01 5.91
N VAL C 43 -33.52 -15.80 5.97
CA VAL C 43 -32.83 -15.47 7.20
C VAL C 43 -31.87 -14.32 6.94
N ILE C 44 -31.95 -13.27 7.75
CA ILE C 44 -31.06 -12.12 7.63
C ILE C 44 -30.47 -11.80 8.99
N VAL C 45 -29.15 -11.60 9.03
CA VAL C 45 -28.47 -11.34 10.25
C VAL C 45 -27.71 -10.03 10.12
N LEU C 46 -27.87 -9.18 11.14
CA LEU C 46 -27.23 -7.87 11.20
C LEU C 46 -26.30 -7.73 12.45
N LEU C 47 -25.03 -7.38 12.24
CA LEU C 47 -24.07 -7.15 13.32
C LEU C 47 -23.70 -5.68 13.33
N THR C 48 -23.60 -5.11 14.54
CA THR C 48 -23.40 -3.69 14.75
C THR C 48 -22.07 -3.33 15.41
N ALA C 49 -21.57 -2.14 15.10
CA ALA C 49 -20.36 -1.60 15.76
C ALA C 49 -20.40 -0.10 15.76
N GLY C 50 -19.73 0.49 16.74
CA GLY C 50 -19.65 1.94 16.86
C GLY C 50 -20.56 2.47 17.93
N ASN C 51 -20.90 3.72 17.82
CA ASN C 51 -21.66 4.39 18.82
C ASN C 51 -23.00 3.71 19.05
N LEU C 52 -23.28 3.35 20.30
CA LEU C 52 -24.50 2.62 20.67
C LEU C 52 -25.78 3.43 20.43
N ALA C 53 -25.82 4.70 20.74
CA ALA C 53 -27.02 5.49 20.46
C ALA C 53 -27.36 5.47 18.95
N THR C 54 -26.32 5.49 18.11
CA THR C 54 -26.50 5.44 16.67
C THR C 54 -26.99 4.07 16.23
N THR C 55 -26.32 3.00 16.65
CA THR C 55 -26.76 1.70 16.19
C THR C 55 -28.16 1.36 16.65
N GLN C 56 -28.51 1.70 17.88
CA GLN C 56 -29.86 1.46 18.35
C GLN C 56 -30.89 2.26 17.57
N ALA C 57 -30.55 3.46 17.17
CA ALA C 57 -31.49 4.28 16.38
C ALA C 57 -31.67 3.74 14.95
N VAL C 58 -30.63 3.18 14.38
CA VAL C 58 -30.70 2.52 13.08
C VAL C 58 -31.63 1.29 13.16
N ILE C 59 -31.34 0.40 14.11
CA ILE C 59 -32.21 -0.74 14.33
C ILE C 59 -33.67 -0.30 14.52
N SER C 60 -33.91 0.76 15.27
CA SER C 60 -35.28 1.19 15.56
C SER C 60 -35.96 1.62 14.28
N LEU C 61 -35.20 2.22 13.38
CA LEU C 61 -35.73 2.72 12.11
C LEU C 61 -36.08 1.57 11.16
N LEU C 62 -35.25 0.53 11.14
CA LEU C 62 -35.48 -0.67 10.35
C LEU C 62 -36.63 -1.53 10.81
N GLU C 63 -37.04 -1.40 12.06
CA GLU C 63 -38.17 -2.16 12.62
C GLU C 63 -39.48 -1.37 12.61
N GLU C 64 -39.47 -0.12 12.15
CA GLU C 64 -40.68 0.70 12.24
C GLU C 64 -41.85 0.03 11.53
N ARG C 65 -42.91 -0.24 12.31
CA ARG C 65 -43.96 -1.22 11.98
C ARG C 65 -44.72 -0.99 10.67
N LEU C 66 -44.94 0.28 10.31
CA LEU C 66 -45.78 0.63 9.17
C LEU C 66 -44.98 1.34 8.09
N LYS C 67 -44.06 0.59 7.46
CA LYS C 67 -43.23 1.08 6.33
C LYS C 67 -43.83 0.65 4.99
N ASP C 68 -43.35 1.25 3.88
CA ASP C 68 -43.92 1.00 2.55
C ASP C 68 -43.54 -0.40 2.01
N PRO C 69 -44.13 -0.83 0.85
CA PRO C 69 -43.86 -2.19 0.32
C PRO C 69 -42.40 -2.40 -0.14
N GLU C 70 -41.77 -3.49 0.34
CA GLU C 70 -40.34 -3.81 0.05
C GLU C 70 -39.30 -2.91 0.78
N GLU C 71 -39.77 -2.17 1.79
CA GLU C 71 -38.93 -1.20 2.54
C GLU C 71 -38.57 -1.63 3.96
N ARG C 72 -38.94 -2.85 4.37
CA ARG C 72 -38.52 -3.45 5.65
C ARG C 72 -37.52 -4.55 5.32
N LEU C 73 -36.63 -4.87 6.25
CA LEU C 73 -35.67 -5.94 6.01
C LEU C 73 -36.33 -7.30 5.69
N LEU C 74 -37.45 -7.59 6.34
CA LEU C 74 -38.19 -8.84 6.06
C LEU C 74 -38.84 -8.93 4.66
N THR C 75 -39.07 -7.78 4.02
CA THR C 75 -39.73 -7.76 2.70
C THR C 75 -38.84 -7.27 1.57
N ALA C 76 -37.57 -7.07 1.81
CA ALA C 76 -36.67 -6.65 0.77
C ALA C 76 -36.51 -7.77 -0.27
N PRO C 77 -36.52 -7.41 -1.55
CA PRO C 77 -36.51 -8.44 -2.59
C PRO C 77 -35.13 -9.10 -2.80
N SER C 78 -34.07 -8.52 -2.28
CA SER C 78 -32.73 -9.10 -2.42
C SER C 78 -31.84 -8.59 -1.29
N MET C 79 -30.79 -9.32 -0.99
CA MET C 79 -29.84 -8.86 0.03
C MET C 79 -29.15 -7.55 -0.35
N PHE C 80 -28.95 -7.30 -1.63
CA PHE C 80 -28.41 -6.03 -2.06
C PHE C 80 -29.36 -4.91 -1.64
N GLU C 81 -30.66 -5.06 -1.90
CA GLU C 81 -31.63 -4.05 -1.45
C GLU C 81 -31.70 -3.95 0.09
N ALA C 82 -31.57 -5.08 0.80
CA ALA C 82 -31.51 -5.05 2.26
C ALA C 82 -30.36 -4.18 2.77
N ALA C 83 -29.17 -4.36 2.20
CA ALA C 83 -27.98 -3.58 2.57
C ALA C 83 -28.20 -2.11 2.31
N ARG C 84 -28.82 -1.81 1.19
CA ARG C 84 -29.18 -0.45 0.88
C ARG C 84 -30.12 0.16 1.94
N LEU C 85 -31.04 -0.63 2.49
CA LEU C 85 -31.92 -0.15 3.53
C LEU C 85 -31.15 0.19 4.80
N VAL C 86 -30.18 -0.64 5.15
CA VAL C 86 -29.38 -0.36 6.34
C VAL C 86 -28.59 0.95 6.17
N GLY C 87 -27.96 1.09 5.02
CA GLY C 87 -27.20 2.28 4.69
C GLY C 87 -28.03 3.54 4.67
N GLU C 88 -29.24 3.46 4.13
CA GLU C 88 -30.12 4.63 4.10
C GLU C 88 -30.62 5.01 5.49
N ALA C 89 -30.84 4.00 6.34
CA ALA C 89 -31.24 4.23 7.71
C ALA C 89 -30.12 4.93 8.48
N LEU C 90 -28.90 4.45 8.28
CA LEU C 90 -27.74 5.08 8.87
C LEU C 90 -27.62 6.56 8.46
N ARG C 91 -27.83 6.89 7.19
CA ARG C 91 -27.76 8.29 6.78
C ARG C 91 -28.86 9.15 7.38
N GLU C 92 -30.06 8.58 7.47
CA GLU C 92 -31.19 9.28 8.06
C GLU C 92 -30.88 9.59 9.54
N VAL C 93 -30.32 8.63 10.27
CA VAL C 93 -29.97 8.86 11.67
C VAL C 93 -28.87 9.92 11.83
N GLN C 94 -27.83 9.87 10.98
CA GLN C 94 -26.74 10.83 11.07
C GLN C 94 -27.14 12.27 10.73
N ALA C 95 -28.16 12.47 9.90
CA ALA C 95 -28.70 13.82 9.68
C ALA C 95 -29.51 14.40 10.87
N ARG C 96 -29.71 13.61 11.94
CA ARG C 96 -30.37 14.08 13.19
C ARG C 96 -29.35 14.22 14.32
N ASP C 107 -17.88 11.12 19.21
CA ASP C 107 -17.88 10.40 17.92
C ASP C 107 -19.11 9.48 17.74
N PHE C 108 -20.01 9.88 16.83
CA PHE C 108 -21.28 9.18 16.62
C PHE C 108 -21.30 8.17 15.46
N ASN C 109 -20.15 7.85 14.86
CA ASN C 109 -20.11 6.91 13.75
C ASN C 109 -20.43 5.46 14.11
N ALA C 110 -20.92 4.75 13.10
CA ALA C 110 -21.32 3.38 13.27
C ALA C 110 -21.10 2.61 12.00
N SER C 111 -21.20 1.30 12.11
CA SER C 111 -20.79 0.42 11.02
C SER C 111 -21.48 -0.95 11.18
N PHE C 112 -21.72 -1.67 10.08
CA PHE C 112 -22.50 -2.88 10.15
C PHE C 112 -22.00 -3.97 9.23
N ILE C 113 -22.36 -5.21 9.58
CA ILE C 113 -22.23 -6.34 8.67
C ILE C 113 -23.61 -6.94 8.49
N LEU C 114 -23.99 -7.20 7.24
CA LEU C 114 -25.31 -7.72 6.92
C LEU C 114 -25.18 -8.93 6.04
N GLY C 115 -25.78 -10.04 6.42
CA GLY C 115 -25.76 -11.22 5.55
C GLY C 115 -26.94 -12.14 5.75
N GLY C 116 -27.07 -13.11 4.86
CA GLY C 116 -28.17 -14.05 4.96
C GLY C 116 -28.53 -14.65 3.62
N GLN C 117 -29.74 -15.18 3.52
CA GLN C 117 -30.20 -15.82 2.28
C GLN C 117 -31.69 -15.62 2.12
N ILE C 118 -32.09 -15.28 0.92
CA ILE C 118 -33.48 -15.10 0.57
C ILE C 118 -33.80 -16.18 -0.43
N ALA C 119 -34.92 -16.86 -0.30
CA ALA C 119 -35.23 -18.00 -1.20
C ALA C 119 -34.94 -17.70 -2.67
N GLY C 120 -34.28 -18.63 -3.36
CA GLY C 120 -34.01 -18.53 -4.82
C GLY C 120 -32.87 -17.57 -5.18
N GLU C 121 -31.99 -17.33 -4.23
CA GLU C 121 -30.88 -16.44 -4.39
C GLU C 121 -29.81 -17.17 -3.52
N PRO C 122 -28.52 -17.15 -3.89
CA PRO C 122 -27.58 -17.74 -2.94
C PRO C 122 -27.38 -16.93 -1.63
N PRO C 123 -26.62 -17.49 -0.68
CA PRO C 123 -26.25 -16.73 0.50
C PRO C 123 -25.28 -15.59 0.17
N ARG C 124 -25.43 -14.44 0.83
CA ARG C 124 -24.65 -13.25 0.53
C ARG C 124 -24.25 -12.50 1.81
N LEU C 125 -23.20 -11.70 1.69
CA LEU C 125 -22.60 -11.02 2.83
C LEU C 125 -22.08 -9.63 2.47
N PHE C 126 -22.45 -8.62 3.27
CA PHE C 126 -22.14 -7.23 2.97
C PHE C 126 -21.50 -6.53 4.16
N LEU C 127 -20.72 -5.49 3.86
CA LEU C 127 -20.18 -4.57 4.84
C LEU C 127 -20.74 -3.18 4.58
N ILE C 128 -21.39 -2.57 5.59
CA ILE C 128 -21.90 -1.23 5.45
C ILE C 128 -20.96 -0.25 6.18
N TYR C 129 -20.44 0.70 5.44
CA TYR C 129 -19.51 1.67 5.97
C TYR C 129 -20.22 2.82 6.71
N PRO C 130 -19.48 3.57 7.52
CA PRO C 130 -19.99 4.74 8.22
C PRO C 130 -20.72 5.72 7.36
N ALA C 131 -20.27 5.93 6.13
CA ALA C 131 -20.96 6.84 5.22
C ALA C 131 -22.26 6.27 4.65
N GLY C 132 -22.51 4.98 4.85
CA GLY C 132 -23.76 4.35 4.40
C GLY C 132 -23.72 3.71 3.03
N ASN C 133 -22.59 3.78 2.34
CA ASN C 133 -22.43 2.93 1.17
C ASN C 133 -21.91 1.56 1.65
N PHE C 134 -21.75 0.60 0.73
CA PHE C 134 -21.43 -0.76 1.13
C PHE C 134 -20.75 -1.60 0.06
N ILE C 135 -20.19 -2.72 0.48
CA ILE C 135 -19.63 -3.68 -0.45
C ILE C 135 -20.02 -5.12 -0.10
N GLU C 136 -19.85 -6.01 -1.07
CA GLU C 136 -20.25 -7.39 -1.01
C GLU C 136 -19.05 -8.35 -1.07
N ALA C 137 -19.05 -9.37 -0.21
CA ALA C 137 -17.98 -10.35 -0.16
C ALA C 137 -17.95 -11.22 -1.39
N THR C 138 -16.78 -11.71 -1.75
CA THR C 138 -16.56 -12.54 -2.93
C THR C 138 -15.74 -13.78 -2.53
N PRO C 139 -15.55 -14.73 -3.44
CA PRO C 139 -14.63 -15.83 -3.15
C PRO C 139 -13.24 -15.37 -2.73
N ASP C 140 -12.76 -14.28 -3.32
CA ASP C 140 -11.41 -13.78 -2.99
C ASP C 140 -11.31 -12.98 -1.70
N THR C 141 -12.40 -12.34 -1.30
CA THR C 141 -12.48 -11.69 -0.02
C THR C 141 -13.75 -12.21 0.67
N PRO C 142 -13.66 -13.37 1.31
CA PRO C 142 -14.80 -14.10 1.84
C PRO C 142 -15.20 -13.74 3.25
N PHE C 143 -14.51 -12.83 3.90
CA PHE C 143 -14.96 -12.39 5.22
C PHE C 143 -14.81 -10.88 5.45
N PHE C 144 -15.58 -10.37 6.40
CA PHE C 144 -15.52 -8.98 6.83
C PHE C 144 -15.43 -8.90 8.35
N GLN C 145 -14.86 -7.81 8.85
CA GLN C 145 -14.73 -7.57 10.25
C GLN C 145 -15.07 -6.12 10.54
N ILE C 146 -15.68 -5.86 11.68
CA ILE C 146 -15.87 -4.48 12.15
C ILE C 146 -15.50 -4.40 13.64
N GLY C 147 -15.20 -3.20 14.12
CA GLY C 147 -14.77 -3.00 15.52
C GLY C 147 -13.26 -2.95 15.61
N GLU C 148 -12.66 -3.57 16.65
CA GLU C 148 -11.21 -3.77 16.72
C GLU C 148 -10.87 -5.07 16.00
N THR C 149 -10.33 -4.95 14.79
CA THR C 149 -10.27 -6.08 13.85
C THR C 149 -8.88 -6.64 13.56
N LYS C 150 -7.83 -5.87 13.84
CA LYS C 150 -6.52 -6.21 13.34
C LYS C 150 -5.88 -7.37 14.07
N TYR C 151 -6.17 -7.50 15.35
CA TYR C 151 -5.57 -8.56 16.14
C TYR C 151 -6.02 -9.92 15.61
N GLY C 152 -7.24 -9.96 15.10
CA GLY C 152 -7.87 -11.23 14.71
C GLY C 152 -7.79 -11.56 13.22
N LYS C 153 -7.29 -10.61 12.42
CA LYS C 153 -7.29 -10.78 10.99
C LYS C 153 -6.32 -11.86 10.55
N PRO C 154 -5.15 -11.98 11.19
CA PRO C 154 -4.15 -12.89 10.58
C PRO C 154 -4.61 -14.33 10.50
N ILE C 155 -5.29 -14.81 11.53
CA ILE C 155 -5.73 -16.20 11.50
C ILE C 155 -6.84 -16.45 10.47
N LEU C 156 -7.73 -15.47 10.29
CA LEU C 156 -8.75 -15.54 9.26
C LEU C 156 -8.12 -15.53 7.86
N ASP C 157 -7.10 -14.71 7.65
CA ASP C 157 -6.39 -14.74 6.37
C ASP C 157 -5.71 -16.08 6.11
N ARG C 158 -5.17 -16.72 7.13
CA ARG C 158 -4.46 -17.98 6.94
C ARG C 158 -5.38 -19.14 6.58
N VAL C 159 -6.58 -19.17 7.15
CA VAL C 159 -7.44 -20.36 7.11
C VAL C 159 -8.62 -20.28 6.13
N ILE C 160 -9.33 -19.16 6.09
CA ILE C 160 -10.61 -19.12 5.41
C ILE C 160 -10.45 -19.13 3.89
N THR C 161 -11.10 -20.10 3.25
CA THR C 161 -11.31 -20.10 1.82
C THR C 161 -12.78 -20.46 1.59
N PRO C 162 -13.30 -20.24 0.38
CA PRO C 162 -14.64 -20.71 0.03
C PRO C 162 -14.87 -22.20 0.32
N ASP C 163 -13.81 -23.00 0.28
CA ASP C 163 -13.94 -24.44 0.51
C ASP C 163 -13.94 -24.85 2.00
N THR C 164 -13.69 -23.92 2.89
CA THR C 164 -13.64 -24.23 4.31
C THR C 164 -15.01 -24.68 4.83
N SER C 165 -15.03 -25.63 5.74
CA SER C 165 -16.29 -26.19 6.27
C SER C 165 -16.86 -25.23 7.29
N LEU C 166 -18.16 -25.34 7.54
CA LEU C 166 -18.78 -24.50 8.55
C LEU C 166 -18.16 -24.70 9.91
N GLU C 167 -17.83 -25.95 10.26
CA GLU C 167 -17.20 -26.25 11.56
C GLU C 167 -15.85 -25.50 11.69
N ASP C 168 -15.00 -25.59 10.68
CA ASP C 168 -13.70 -24.94 10.75
C ASP C 168 -13.80 -23.42 10.74
N ALA C 169 -14.75 -22.87 10.00
CA ALA C 169 -14.91 -21.42 9.98
C ALA C 169 -15.33 -20.91 11.34
N ALA C 170 -16.20 -21.65 12.01
CA ALA C 170 -16.61 -21.27 13.37
C ALA C 170 -15.42 -21.35 14.32
N LYS C 171 -14.63 -22.42 14.25
CA LYS C 171 -13.39 -22.50 15.03
C LYS C 171 -12.44 -21.34 14.80
N CYS C 172 -12.25 -21.02 13.54
CA CYS C 172 -11.41 -19.91 13.16
C CYS C 172 -11.92 -18.59 13.73
N ALA C 173 -13.22 -18.35 13.63
CA ALA C 173 -13.77 -17.14 14.26
C ALA C 173 -13.48 -17.13 15.75
N LEU C 174 -13.66 -18.25 16.43
CA LEU C 174 -13.48 -18.25 17.87
C LEU C 174 -12.02 -18.01 18.30
N VAL C 175 -11.09 -18.59 17.56
CA VAL C 175 -9.68 -18.39 17.79
C VAL C 175 -9.31 -16.92 17.51
N SER C 176 -9.88 -16.36 16.46
CA SER C 176 -9.75 -14.93 16.19
C SER C 176 -10.19 -14.07 17.38
N PHE C 177 -11.28 -14.44 18.04
CA PHE C 177 -11.72 -13.71 19.23
C PHE C 177 -10.79 -13.90 20.42
N ASP C 178 -10.28 -15.11 20.57
CA ASP C 178 -9.37 -15.42 21.65
C ASP C 178 -8.15 -14.51 21.61
N SER C 179 -7.53 -14.43 20.45
CA SER C 179 -6.34 -13.60 20.29
C SER C 179 -6.64 -12.12 20.53
N THR C 180 -7.79 -11.67 20.03
CA THR C 180 -8.22 -10.31 20.23
C THR C 180 -8.44 -10.02 21.71
N MET C 181 -9.16 -10.89 22.41
CA MET C 181 -9.43 -10.64 23.84
C MET C 181 -8.17 -10.65 24.70
N ARG C 182 -7.20 -11.49 24.36
CA ARG C 182 -5.93 -11.52 25.09
C ARG C 182 -5.14 -10.25 24.94
N SER C 183 -5.30 -9.58 23.81
CA SER C 183 -4.43 -8.47 23.48
C SER C 183 -5.08 -7.10 23.57
N ASN C 184 -6.40 -7.03 23.73
CA ASN C 184 -7.11 -5.77 23.74
C ASN C 184 -8.33 -5.83 24.66
N LEU C 185 -8.35 -4.97 25.67
CA LEU C 185 -9.42 -4.99 26.66
C LEU C 185 -10.76 -4.32 26.26
N SER C 186 -10.90 -3.83 25.03
CA SER C 186 -12.16 -3.24 24.61
C SER C 186 -13.09 -4.31 24.01
N VAL C 187 -12.58 -5.53 23.82
CA VAL C 187 -13.45 -6.65 23.43
C VAL C 187 -13.53 -7.71 24.55
N GLY C 188 -14.72 -8.29 24.70
CA GLY C 188 -15.03 -9.15 25.83
C GLY C 188 -16.28 -10.02 25.70
N LEU C 189 -16.27 -11.14 26.42
CA LEU C 189 -17.40 -12.06 26.53
C LEU C 189 -18.56 -11.40 27.27
N PRO C 190 -19.80 -11.85 27.01
CA PRO C 190 -20.20 -12.98 26.18
C PRO C 190 -20.18 -12.71 24.70
N LEU C 191 -19.91 -13.75 23.88
CA LEU C 191 -20.05 -13.68 22.42
C LEU C 191 -21.36 -14.27 22.00
N ASP C 192 -21.81 -13.86 20.82
CA ASP C 192 -22.89 -14.52 20.10
C ASP C 192 -22.30 -15.17 18.85
N LEU C 193 -22.79 -16.38 18.55
CA LEU C 193 -22.35 -17.16 17.41
C LEU C 193 -23.54 -17.72 16.67
N LEU C 194 -23.54 -17.56 15.36
CA LEU C 194 -24.61 -18.10 14.50
C LEU C 194 -24.01 -18.75 13.27
N VAL C 195 -24.43 -19.99 13.02
CA VAL C 195 -23.96 -20.76 11.88
C VAL C 195 -25.14 -21.12 11.01
N TYR C 196 -25.11 -20.71 9.74
CA TYR C 196 -26.25 -20.86 8.82
C TYR C 196 -25.88 -21.81 7.68
N GLU C 197 -26.67 -22.85 7.47
CA GLU C 197 -26.46 -23.80 6.37
C GLU C 197 -27.14 -23.32 5.07
N ARG C 198 -26.37 -23.29 4.00
CA ARG C 198 -26.89 -22.96 2.66
C ARG C 198 -28.21 -23.68 2.34
N ASP C 199 -29.19 -22.90 1.87
CA ASP C 199 -30.52 -23.40 1.48
C ASP C 199 -31.42 -23.95 2.60
N SER C 200 -31.05 -23.83 3.87
CA SER C 200 -31.94 -24.25 4.96
C SER C 200 -33.10 -23.26 5.13
N LEU C 201 -32.81 -21.96 4.98
CA LEU C 201 -33.79 -20.88 5.16
C LEU C 201 -34.38 -20.88 6.57
N ARG C 202 -33.50 -21.18 7.51
CA ARG C 202 -33.85 -21.42 8.90
C ARG C 202 -32.59 -21.12 9.73
N VAL C 203 -32.74 -20.57 10.92
CA VAL C 203 -31.58 -20.44 11.82
C VAL C 203 -31.28 -21.83 12.41
N GLY C 204 -30.21 -22.45 11.94
CA GLY C 204 -29.89 -23.83 12.36
C GLY C 204 -29.23 -23.84 13.73
N HIS C 205 -28.13 -23.13 13.86
CA HIS C 205 -27.41 -23.07 15.10
C HIS C 205 -27.14 -21.66 15.54
N ARG C 206 -27.51 -21.36 16.78
CA ARG C 206 -27.26 -20.07 17.34
C ARG C 206 -27.13 -20.17 18.83
N ARG C 207 -26.04 -19.64 19.37
CA ARG C 207 -25.89 -19.58 20.82
C ARG C 207 -25.01 -18.45 21.35
N ARG C 208 -25.09 -18.31 22.66
CA ARG C 208 -24.33 -17.37 23.45
C ARG C 208 -23.20 -18.14 24.17
N ILE C 209 -21.98 -17.61 24.07
CA ILE C 209 -20.80 -18.20 24.64
C ILE C 209 -20.30 -17.31 25.79
N ASP C 210 -20.39 -17.80 27.02
CA ASP C 210 -19.94 -17.03 28.17
C ASP C 210 -18.58 -17.50 28.74
N GLU C 211 -18.12 -16.82 29.78
CA GLU C 211 -16.84 -17.10 30.45
C GLU C 211 -16.59 -18.59 30.80
N ASP C 212 -17.67 -19.30 31.08
CA ASP C 212 -17.60 -20.69 31.51
C ASP C 212 -17.79 -21.72 30.41
N ASP C 213 -18.01 -21.30 29.16
CA ASP C 213 -18.38 -22.23 28.10
C ASP C 213 -17.36 -23.34 27.88
N PRO C 214 -17.76 -24.61 28.07
CA PRO C 214 -16.76 -25.68 27.99
C PRO C 214 -16.06 -25.74 26.63
N TYR C 215 -16.82 -25.61 25.56
CA TYR C 215 -16.24 -25.75 24.26
C TYR C 215 -15.21 -24.65 23.97
N PHE C 216 -15.57 -23.38 24.26
CA PHE C 216 -14.62 -22.30 24.05
C PHE C 216 -13.37 -22.45 24.94
N ARG C 217 -13.54 -22.91 26.17
CA ARG C 217 -12.39 -23.23 27.00
C ARG C 217 -11.49 -24.29 26.36
N MET C 218 -12.10 -25.34 25.81
CA MET C 218 -11.40 -26.46 25.20
C MET C 218 -10.57 -25.95 24.07
N LEU C 219 -11.21 -25.12 23.30
CA LEU C 219 -10.60 -24.62 22.11
C LEU C 219 -9.38 -23.72 22.40
N ARG C 220 -9.53 -22.81 23.34
CA ARG C 220 -8.43 -21.92 23.72
C ARG C 220 -7.25 -22.72 24.24
N LYS C 221 -7.52 -23.73 25.05
CA LYS C 221 -6.48 -24.49 25.70
C LYS C 221 -5.72 -25.34 24.69
N GLN C 222 -6.43 -25.93 23.72
CA GLN C 222 -5.77 -26.77 22.71
C GLN C 222 -5.05 -25.95 21.67
N TRP C 223 -5.59 -24.77 21.34
CA TRP C 223 -4.91 -23.88 20.43
C TRP C 223 -3.60 -23.39 21.03
N SER C 224 -3.69 -22.94 22.27
CA SER C 224 -2.53 -22.52 23.03
C SER C 224 -1.45 -23.60 23.09
N GLU C 225 -1.80 -24.83 23.48
CA GLU C 225 -0.80 -25.92 23.54
C GLU C 225 -0.21 -26.23 22.14
N GLY C 226 -1.03 -26.23 21.11
CA GLY C 226 -0.60 -26.59 19.77
C GLY C 226 0.25 -25.51 19.12
N LEU C 227 -0.07 -24.27 19.42
CA LEU C 227 0.70 -23.17 18.91
C LEU C 227 2.10 -23.13 19.55
N ARG C 228 2.16 -23.36 20.86
CA ARG C 228 3.45 -23.42 21.53
C ARG C 228 4.33 -24.55 21.03
N GLN C 229 3.76 -25.69 20.72
CA GLN C 229 4.56 -26.79 20.20
C GLN C 229 5.07 -26.54 18.75
N ALA C 230 4.27 -25.88 17.93
CA ALA C 230 4.73 -25.41 16.61
C ALA C 230 5.86 -24.39 16.73
N PHE C 231 5.70 -23.42 17.65
CA PHE C 231 6.72 -22.45 17.94
C PHE C 231 8.03 -23.09 18.41
N ASP C 232 7.92 -24.01 19.36
CA ASP C 232 9.09 -24.57 19.96
C ASP C 232 9.90 -25.46 18.98
N SER C 233 9.26 -25.93 17.92
CA SER C 233 9.98 -26.79 16.98
C SER C 233 10.52 -26.02 15.78
N LEU C 234 10.32 -24.70 15.75
CA LEU C 234 11.01 -23.86 14.77
C LEU C 234 12.49 -23.85 15.06
N PRO C 235 13.31 -23.78 14.01
CA PRO C 235 14.75 -23.69 14.20
C PRO C 235 15.24 -22.35 14.76
N ASP C 236 16.33 -22.37 15.51
CA ASP C 236 16.93 -21.15 16.07
C ASP C 236 17.69 -20.34 15.00
N PRO C 237 17.65 -19.00 15.09
CA PRO C 237 18.45 -18.17 14.18
C PRO C 237 19.91 -18.60 14.15
N PRO C 238 20.53 -18.63 12.96
CA PRO C 238 21.84 -19.29 12.77
C PRO C 238 23.14 -18.55 13.19
N TRP C 239 23.25 -17.24 12.94
CA TRP C 239 24.50 -16.44 13.21
C TRP C 239 25.81 -17.22 12.94
N THR D 1 -4.97 -1.50 -8.31
CA THR D 1 -5.89 -1.30 -9.47
C THR D 1 -5.15 -0.79 -10.68
N TYR D 2 -5.04 -1.67 -11.66
CA TYR D 2 -4.61 -1.33 -12.98
C TYR D 2 -5.34 -2.27 -13.94
N CYS D 3 -6.00 -1.70 -14.94
CA CYS D 3 -6.70 -2.50 -15.96
C CYS D 3 -6.38 -1.97 -17.33
N VAL D 4 -6.28 -2.89 -18.28
CA VAL D 4 -5.92 -2.55 -19.65
C VAL D 4 -6.82 -3.25 -20.66
N GLY D 5 -7.21 -2.53 -21.70
CA GLY D 5 -7.93 -3.13 -22.83
C GLY D 5 -7.22 -2.72 -24.10
N ILE D 6 -7.07 -3.68 -25.00
CA ILE D 6 -6.30 -3.47 -26.22
C ILE D 6 -7.10 -3.98 -27.40
N ARG D 7 -7.09 -3.22 -28.49
CA ARG D 7 -7.84 -3.58 -29.67
C ARG D 7 -6.96 -3.74 -30.92
N LEU D 8 -7.06 -4.88 -31.60
CA LEU D 8 -6.19 -5.20 -32.70
C LEU D 8 -7.01 -5.71 -33.86
N ASP D 9 -6.43 -5.71 -35.05
CA ASP D 9 -7.12 -6.30 -36.18
C ASP D 9 -7.53 -7.75 -35.87
N GLU D 10 -6.66 -8.48 -35.18
CA GLU D 10 -6.87 -9.88 -34.87
C GLU D 10 -7.91 -10.15 -33.77
N GLY D 11 -8.26 -9.14 -32.99
CA GLY D 11 -9.14 -9.33 -31.82
C GLY D 11 -8.93 -8.36 -30.66
N LEU D 12 -9.12 -8.83 -29.43
CA LEU D 12 -9.03 -8.00 -28.22
C LEU D 12 -8.28 -8.71 -27.10
N VAL D 13 -7.61 -7.92 -26.27
CA VAL D 13 -6.94 -8.42 -25.10
C VAL D 13 -7.31 -7.58 -23.90
N PHE D 14 -7.67 -8.24 -22.81
CA PHE D 14 -8.00 -7.55 -21.54
C PHE D 14 -7.18 -8.09 -20.39
N ALA D 15 -6.71 -7.20 -19.52
CA ALA D 15 -5.99 -7.63 -18.32
C ALA D 15 -6.29 -6.73 -17.14
N SER D 16 -6.37 -7.32 -15.95
CA SER D 16 -6.63 -6.54 -14.77
C SER D 16 -6.00 -7.19 -13.56
N ASP D 17 -5.62 -6.39 -12.58
CA ASP D 17 -5.10 -6.90 -11.32
C ASP D 17 -6.23 -7.04 -10.32
N SER D 18 -5.92 -7.31 -9.04
CA SER D 18 -6.96 -7.50 -8.05
C SER D 18 -6.76 -6.73 -6.73
N ARG D 19 -5.72 -5.93 -6.62
CA ARG D 19 -5.45 -5.26 -5.36
C ARG D 19 -6.35 -4.03 -5.26
N THR D 20 -7.08 -3.95 -4.17
CA THR D 20 -8.22 -3.05 -4.12
C THR D 20 -8.32 -2.38 -2.77
N ASN D 21 -8.56 -1.09 -2.80
CA ASN D 21 -8.99 -0.39 -1.59
C ASN D 21 -10.40 -0.79 -1.09
N ALA D 22 -10.46 -1.51 0.01
CA ALA D 22 -11.73 -1.99 0.56
C ALA D 22 -11.98 -1.37 1.92
N GLY D 23 -11.74 -0.07 2.02
CA GLY D 23 -11.87 0.62 3.29
C GLY D 23 -10.56 0.80 4.03
N VAL D 24 -10.68 1.43 5.19
CA VAL D 24 -9.55 2.01 5.91
C VAL D 24 -8.63 0.90 6.49
N ASP D 25 -7.33 0.99 6.17
CA ASP D 25 -6.29 0.02 6.56
C ASP D 25 -6.58 -1.41 6.04
N ASN D 26 -7.33 -1.50 4.93
CA ASN D 26 -7.75 -2.77 4.40
C ASN D 26 -7.64 -2.70 2.88
N ILE D 27 -6.64 -3.38 2.38
CA ILE D 27 -6.47 -3.55 0.98
C ILE D 27 -6.67 -5.03 0.79
N SER D 28 -7.59 -5.43 -0.09
CA SER D 28 -7.76 -6.86 -0.33
C SER D 28 -7.95 -7.17 -1.77
N THR D 29 -8.20 -8.45 -2.01
CA THR D 29 -8.33 -8.99 -3.34
C THR D 29 -9.79 -8.99 -3.79
N PHE D 30 -10.03 -8.31 -4.88
CA PHE D 30 -11.31 -8.35 -5.58
C PHE D 30 -11.04 -8.41 -7.08
N ARG D 31 -11.68 -9.35 -7.74
CA ARG D 31 -11.61 -9.50 -9.19
C ARG D 31 -12.23 -8.29 -9.91
N LYS D 32 -11.60 -7.79 -10.97
CA LYS D 32 -12.07 -6.58 -11.66
C LYS D 32 -12.53 -6.79 -13.11
N MET D 33 -12.62 -8.06 -13.52
CA MET D 33 -13.01 -8.45 -14.85
C MET D 33 -14.32 -9.21 -14.75
N HIS D 34 -15.27 -8.78 -15.56
CA HIS D 34 -16.61 -9.37 -15.62
C HIS D 34 -16.97 -9.66 -17.07
N VAL D 35 -17.48 -10.85 -17.32
CA VAL D 35 -17.71 -11.34 -18.68
C VAL D 35 -19.19 -11.68 -18.88
N PHE D 36 -19.75 -11.16 -19.95
CA PHE D 36 -21.12 -11.47 -20.35
C PHE D 36 -21.02 -12.14 -21.71
N GLU D 37 -21.42 -13.41 -21.77
CA GLU D 37 -21.19 -14.25 -22.94
C GLU D 37 -22.48 -14.94 -23.34
N VAL D 38 -22.84 -14.85 -24.62
CA VAL D 38 -23.80 -15.77 -25.24
C VAL D 38 -23.05 -16.48 -26.36
N PRO D 39 -22.61 -17.72 -26.09
CA PRO D 39 -21.66 -18.33 -27.03
C PRO D 39 -22.26 -18.45 -28.42
N GLY D 40 -21.49 -18.00 -29.42
CA GLY D 40 -21.97 -17.94 -30.80
C GLY D 40 -22.80 -16.72 -31.21
N GLU D 41 -23.11 -15.80 -30.28
CA GLU D 41 -23.82 -14.55 -30.59
C GLU D 41 -23.07 -13.32 -30.11
N ARG D 42 -22.49 -13.34 -28.89
CA ARG D 42 -21.69 -12.19 -28.39
C ARG D 42 -20.80 -12.48 -27.20
N VAL D 43 -19.76 -11.69 -27.06
CA VAL D 43 -18.92 -11.66 -25.88
C VAL D 43 -18.70 -10.22 -25.50
N ILE D 44 -18.99 -9.87 -24.25
CA ILE D 44 -18.73 -8.53 -23.73
C ILE D 44 -17.95 -8.61 -22.43
N VAL D 45 -16.91 -7.80 -22.32
CA VAL D 45 -16.04 -7.82 -21.15
C VAL D 45 -16.00 -6.45 -20.54
N LEU D 46 -16.18 -6.38 -19.23
CA LEU D 46 -16.16 -5.13 -18.48
C LEU D 46 -15.06 -5.14 -17.39
N LEU D 47 -14.19 -4.13 -17.41
CA LEU D 47 -13.15 -3.97 -16.39
C LEU D 47 -13.46 -2.73 -15.57
N THR D 48 -13.22 -2.84 -14.26
CA THR D 48 -13.60 -1.80 -13.30
C THR D 48 -12.42 -1.14 -12.58
N ALA D 49 -12.60 0.11 -12.18
CA ALA D 49 -11.61 0.82 -11.34
C ALA D 49 -12.27 1.89 -10.52
N GLY D 50 -11.65 2.23 -9.40
CA GLY D 50 -12.13 3.27 -8.50
C GLY D 50 -12.81 2.68 -7.29
N ASN D 51 -13.71 3.44 -6.69
CA ASN D 51 -14.35 3.04 -5.50
C ASN D 51 -15.13 1.74 -5.69
N LEU D 52 -14.83 0.74 -4.86
CA LEU D 52 -15.44 -0.59 -4.95
C LEU D 52 -16.94 -0.57 -4.68
N ALA D 53 -17.41 0.20 -3.70
CA ALA D 53 -18.85 0.26 -3.48
C ALA D 53 -19.57 0.76 -4.73
N THR D 54 -18.98 1.72 -5.41
CA THR D 54 -19.56 2.29 -6.62
C THR D 54 -19.52 1.29 -7.79
N THR D 55 -18.38 0.66 -8.03
CA THR D 55 -18.34 -0.31 -9.10
C THR D 55 -19.28 -1.50 -8.87
N GLN D 56 -19.33 -2.03 -7.65
CA GLN D 56 -20.24 -3.11 -7.38
C GLN D 56 -21.68 -2.70 -7.59
N ALA D 57 -22.02 -1.46 -7.29
CA ALA D 57 -23.42 -1.01 -7.43
C ALA D 57 -23.80 -0.83 -8.91
N VAL D 58 -22.82 -0.45 -9.73
CA VAL D 58 -23.00 -0.35 -11.16
C VAL D 58 -23.24 -1.72 -11.74
N ILE D 59 -22.34 -2.65 -11.45
CA ILE D 59 -22.54 -4.04 -11.85
C ILE D 59 -23.91 -4.58 -11.44
N SER D 60 -24.34 -4.29 -10.22
CA SER D 60 -25.62 -4.81 -9.71
C SER D 60 -26.78 -4.26 -10.52
N LEU D 61 -26.64 -3.02 -10.96
CA LEU D 61 -27.67 -2.34 -11.75
C LEU D 61 -27.77 -2.90 -13.18
N LEU D 62 -26.63 -3.20 -13.78
CA LEU D 62 -26.55 -3.81 -15.10
C LEU D 62 -27.03 -5.26 -15.16
N GLU D 63 -27.07 -5.97 -14.02
CA GLU D 63 -27.55 -7.36 -13.97
C GLU D 63 -29.00 -7.47 -13.54
N GLU D 64 -29.66 -6.36 -13.21
CA GLU D 64 -31.00 -6.43 -12.63
C GLU D 64 -31.95 -7.21 -13.54
N ARG D 65 -32.49 -8.30 -12.99
CA ARG D 65 -33.12 -9.40 -13.75
C ARG D 65 -34.29 -9.02 -14.67
N LEU D 66 -35.10 -8.04 -14.26
CA LEU D 66 -36.33 -7.69 -14.98
C LEU D 66 -36.25 -6.25 -15.54
N LYS D 67 -35.37 -6.05 -16.52
CA LYS D 67 -35.19 -4.76 -17.21
C LYS D 67 -35.93 -4.78 -18.55
N ASP D 68 -36.09 -3.60 -19.19
CA ASP D 68 -36.86 -3.46 -20.45
C ASP D 68 -36.08 -4.03 -21.66
N PRO D 69 -36.75 -4.13 -22.85
CA PRO D 69 -36.09 -4.73 -24.04
C PRO D 69 -34.90 -3.91 -24.59
N GLU D 70 -33.74 -4.57 -24.78
CA GLU D 70 -32.48 -3.92 -25.23
C GLU D 70 -31.75 -3.07 -24.14
N GLU D 71 -32.15 -3.23 -22.88
CA GLU D 71 -31.63 -2.44 -21.76
C GLU D 71 -30.70 -3.21 -20.81
N ARG D 72 -30.38 -4.46 -21.14
CA ARG D 72 -29.36 -5.25 -20.41
C ARG D 72 -28.13 -5.37 -21.33
N LEU D 73 -26.95 -5.57 -20.74
CA LEU D 73 -25.74 -5.73 -21.56
C LEU D 73 -25.84 -6.88 -22.57
N LEU D 74 -26.47 -7.99 -22.17
CA LEU D 74 -26.64 -9.14 -23.07
C LEU D 74 -27.58 -8.89 -24.25
N THR D 75 -28.46 -7.90 -24.15
CA THR D 75 -29.44 -7.64 -25.21
C THR D 75 -29.26 -6.30 -25.91
N ALA D 76 -28.18 -5.60 -25.62
CA ALA D 76 -27.92 -4.35 -26.29
C ALA D 76 -27.62 -4.59 -27.76
N PRO D 77 -28.19 -3.77 -28.63
CA PRO D 77 -28.04 -4.01 -30.07
C PRO D 77 -26.66 -3.66 -30.65
N SER D 78 -25.84 -2.91 -29.92
CA SER D 78 -24.49 -2.56 -30.38
C SER D 78 -23.63 -2.26 -29.19
N MET D 79 -22.31 -2.37 -29.36
CA MET D 79 -21.39 -2.02 -28.28
C MET D 79 -21.46 -0.55 -27.90
N PHE D 80 -21.80 0.33 -28.83
CA PHE D 80 -22.01 1.73 -28.48
C PHE D 80 -23.17 1.85 -27.50
N GLU D 81 -24.30 1.19 -27.77
CA GLU D 81 -25.41 1.19 -26.82
C GLU D 81 -25.05 0.51 -25.49
N ALA D 82 -24.22 -0.53 -25.52
CA ALA D 82 -23.75 -1.16 -24.30
C ALA D 82 -23.00 -0.16 -23.42
N ALA D 83 -22.08 0.60 -24.03
CA ALA D 83 -21.26 1.59 -23.31
C ALA D 83 -22.14 2.68 -22.70
N ARG D 84 -23.14 3.07 -23.45
CA ARG D 84 -24.11 4.00 -22.95
C ARG D 84 -24.86 3.46 -21.72
N LEU D 85 -25.15 2.17 -21.70
CA LEU D 85 -25.79 1.57 -20.52
C LEU D 85 -24.88 1.63 -19.30
N VAL D 86 -23.60 1.38 -19.48
CA VAL D 86 -22.68 1.43 -18.36
C VAL D 86 -22.61 2.85 -17.80
N GLY D 87 -22.47 3.81 -18.69
CA GLY D 87 -22.44 5.20 -18.31
C GLY D 87 -23.67 5.70 -17.62
N GLU D 88 -24.84 5.28 -18.08
CA GLU D 88 -26.09 5.68 -17.43
C GLU D 88 -26.24 5.04 -16.05
N ALA D 89 -25.77 3.81 -15.90
CA ALA D 89 -25.81 3.11 -14.63
C ALA D 89 -24.90 3.82 -13.63
N LEU D 90 -23.71 4.20 -14.09
CA LEU D 90 -22.79 4.99 -13.29
C LEU D 90 -23.45 6.32 -12.81
N ARG D 91 -24.15 7.03 -13.67
CA ARG D 91 -24.81 8.25 -13.24
C ARG D 91 -25.94 8.02 -12.24
N GLU D 92 -26.70 6.96 -12.46
CA GLU D 92 -27.79 6.59 -11.55
C GLU D 92 -27.21 6.28 -10.17
N VAL D 93 -26.11 5.54 -10.11
CA VAL D 93 -25.48 5.25 -8.82
C VAL D 93 -24.93 6.51 -8.12
N GLN D 94 -24.29 7.40 -8.87
CA GLN D 94 -23.72 8.64 -8.29
C GLN D 94 -24.79 9.60 -7.77
N ALA D 95 -25.99 9.60 -8.33
CA ALA D 95 -27.07 10.39 -7.75
C ALA D 95 -27.64 9.83 -6.41
N ARG D 96 -27.17 8.66 -5.96
CA ARG D 96 -27.53 8.08 -4.64
C ARG D 96 -26.36 8.19 -3.66
N ASP D 107 -13.86 9.67 -1.50
CA ASP D 107 -13.89 9.71 -2.98
C ASP D 107 -14.60 8.49 -3.62
N PHE D 108 -15.82 8.74 -4.14
CA PHE D 108 -16.70 7.69 -4.68
C PHE D 108 -16.63 7.48 -6.21
N ASN D 109 -15.68 8.10 -6.88
CA ASN D 109 -15.60 7.99 -8.33
C ASN D 109 -15.16 6.62 -8.83
N ALA D 110 -15.58 6.33 -10.04
CA ALA D 110 -15.29 5.05 -10.67
C ALA D 110 -15.14 5.21 -12.17
N SER D 111 -14.62 4.17 -12.78
CA SER D 111 -14.24 4.24 -14.16
C SER D 111 -14.23 2.84 -14.78
N PHE D 112 -14.50 2.72 -16.08
CA PHE D 112 -14.61 1.39 -16.68
C PHE D 112 -14.02 1.31 -18.07
N ILE D 113 -13.69 0.08 -18.45
CA ILE D 113 -13.35 -0.25 -19.82
C ILE D 113 -14.33 -1.31 -20.27
N LEU D 114 -14.91 -1.13 -21.46
CA LEU D 114 -15.90 -2.04 -21.97
C LEU D 114 -15.54 -2.42 -23.38
N GLY D 115 -15.48 -3.71 -23.66
CA GLY D 115 -15.23 -4.15 -25.03
C GLY D 115 -15.81 -5.50 -25.36
N GLY D 116 -15.77 -5.85 -26.64
CA GLY D 116 -16.27 -7.15 -27.06
C GLY D 116 -16.73 -7.13 -28.50
N GLN D 117 -17.56 -8.11 -28.86
CA GLN D 117 -18.06 -8.23 -30.24
C GLN D 117 -19.47 -8.80 -30.22
N ILE D 118 -20.33 -8.20 -31.03
CA ILE D 118 -21.68 -8.65 -31.20
C ILE D 118 -21.80 -9.12 -32.62
N ALA D 119 -22.44 -10.26 -32.87
CA ALA D 119 -22.48 -10.84 -34.23
C ALA D 119 -22.81 -9.81 -35.31
N GLY D 120 -22.05 -9.80 -36.41
CA GLY D 120 -22.29 -8.90 -37.57
C GLY D 120 -21.84 -7.45 -37.36
N GLU D 121 -20.89 -7.26 -36.47
CA GLU D 121 -20.37 -5.96 -36.11
C GLU D 121 -18.90 -6.33 -35.79
N PRO D 122 -17.93 -5.45 -36.11
CA PRO D 122 -16.59 -5.84 -35.66
C PRO D 122 -16.37 -5.75 -34.14
N PRO D 123 -15.21 -6.17 -33.67
CA PRO D 123 -14.86 -5.99 -32.27
C PRO D 123 -14.63 -4.52 -31.95
N ARG D 124 -15.05 -4.08 -30.76
CA ARG D 124 -14.97 -2.68 -30.37
C ARG D 124 -14.57 -2.52 -28.91
N LEU D 125 -14.04 -1.35 -28.58
CA LEU D 125 -13.48 -1.09 -27.26
C LEU D 125 -13.75 0.35 -26.81
N PHE D 126 -14.25 0.51 -25.58
CA PHE D 126 -14.66 1.81 -25.05
C PHE D 126 -14.07 2.09 -23.68
N LEU D 127 -13.91 3.38 -23.37
CA LEU D 127 -13.51 3.87 -22.05
C LEU D 127 -14.65 4.72 -21.49
N ILE D 128 -15.15 4.36 -20.30
CA ILE D 128 -16.20 5.13 -19.68
C ILE D 128 -15.59 5.94 -18.55
N TYR D 129 -15.75 7.26 -18.66
CA TYR D 129 -15.18 8.17 -17.69
C TYR D 129 -16.05 8.27 -16.43
N PRO D 130 -15.49 8.83 -15.35
CA PRO D 130 -16.21 9.08 -14.09
C PRO D 130 -17.50 9.81 -14.24
N ALA D 131 -17.59 10.76 -15.16
CA ALA D 131 -18.85 11.47 -15.39
C ALA D 131 -19.91 10.66 -16.18
N GLY D 132 -19.50 9.52 -16.76
CA GLY D 132 -20.43 8.65 -17.45
C GLY D 132 -20.57 8.86 -18.95
N ASN D 133 -19.84 9.81 -19.49
CA ASN D 133 -19.68 9.84 -20.93
C ASN D 133 -18.52 8.90 -21.32
N PHE D 134 -18.26 8.72 -22.62
CA PHE D 134 -17.30 7.71 -23.03
C PHE D 134 -16.68 7.95 -24.40
N ILE D 135 -15.61 7.22 -24.68
CA ILE D 135 -15.00 7.27 -26.00
C ILE D 135 -14.66 5.88 -26.50
N GLU D 136 -14.47 5.78 -27.81
CA GLU D 136 -14.18 4.53 -28.52
C GLU D 136 -12.76 4.51 -29.08
N ALA D 137 -12.08 3.38 -28.91
CA ALA D 137 -10.70 3.20 -29.45
C ALA D 137 -10.69 3.18 -30.96
N THR D 138 -9.59 3.63 -31.54
CA THR D 138 -9.41 3.70 -32.98
C THR D 138 -8.04 3.07 -33.34
N PRO D 139 -7.73 2.96 -34.65
CA PRO D 139 -6.40 2.49 -35.01
C PRO D 139 -5.27 3.35 -34.45
N ASP D 140 -5.50 4.65 -34.36
CA ASP D 140 -4.47 5.56 -33.82
C ASP D 140 -4.35 5.57 -32.31
N THR D 141 -5.43 5.25 -31.60
CA THR D 141 -5.38 5.06 -30.14
C THR D 141 -6.05 3.69 -29.84
N PRO D 142 -5.29 2.62 -29.98
CA PRO D 142 -5.79 1.26 -29.91
C PRO D 142 -5.87 0.64 -28.52
N PHE D 143 -5.46 1.34 -27.48
CA PHE D 143 -5.60 0.80 -26.11
C PHE D 143 -6.06 1.86 -25.10
N PHE D 144 -6.63 1.38 -24.02
CA PHE D 144 -7.05 2.21 -22.90
C PHE D 144 -6.54 1.59 -21.61
N GLN D 145 -6.37 2.43 -20.60
CA GLN D 145 -5.92 2.01 -19.29
C GLN D 145 -6.71 2.75 -18.24
N ILE D 146 -7.00 2.08 -17.13
CA ILE D 146 -7.62 2.75 -15.99
C ILE D 146 -6.89 2.31 -14.71
N GLY D 147 -7.01 3.09 -13.65
CA GLY D 147 -6.32 2.79 -12.38
C GLY D 147 -5.02 3.57 -12.29
N GLU D 148 -3.94 2.95 -11.79
CA GLU D 148 -2.60 3.53 -11.87
C GLU D 148 -1.98 3.12 -13.20
N THR D 149 -1.93 4.05 -14.14
CA THR D 149 -1.69 3.72 -15.54
C THR D 149 -0.34 4.20 -16.11
N LYS D 150 0.28 5.17 -15.48
CA LYS D 150 1.41 5.83 -16.12
C LYS D 150 2.67 4.99 -16.19
N TYR D 151 2.87 4.14 -15.19
CA TYR D 151 4.08 3.33 -15.12
C TYR D 151 4.12 2.38 -16.30
N GLY D 152 2.94 1.96 -16.75
CA GLY D 152 2.82 0.89 -17.72
C GLY D 152 2.57 1.38 -19.12
N LYS D 153 2.36 2.68 -19.28
CA LYS D 153 2.02 3.23 -20.57
C LYS D 153 3.15 3.20 -21.58
N PRO D 154 4.38 3.51 -21.16
CA PRO D 154 5.46 3.57 -22.14
C PRO D 154 5.67 2.30 -22.98
N ILE D 155 5.62 1.14 -22.38
CA ILE D 155 5.83 -0.09 -23.13
C ILE D 155 4.67 -0.36 -24.11
N LEU D 156 3.44 -0.06 -23.70
CA LEU D 156 2.28 -0.14 -24.59
C LEU D 156 2.42 0.84 -25.75
N ASP D 157 2.86 2.06 -25.50
CA ASP D 157 3.09 3.01 -26.62
C ASP D 157 4.17 2.52 -27.58
N ARG D 158 5.21 1.87 -27.07
CA ARG D 158 6.29 1.41 -27.93
C ARG D 158 5.88 0.27 -28.85
N VAL D 159 5.03 -0.63 -28.36
CA VAL D 159 4.77 -1.90 -29.05
C VAL D 159 3.42 -2.00 -29.79
N ILE D 160 2.34 -1.53 -29.19
CA ILE D 160 1.02 -1.83 -29.72
C ILE D 160 0.67 -1.04 -30.99
N THR D 161 0.32 -1.76 -32.04
CA THR D 161 -0.28 -1.19 -33.23
C THR D 161 -1.46 -2.07 -33.57
N PRO D 162 -2.37 -1.59 -34.42
CA PRO D 162 -3.39 -2.48 -35.00
C PRO D 162 -2.87 -3.80 -35.59
N ASP D 163 -1.64 -3.81 -36.12
CA ASP D 163 -1.08 -5.00 -36.74
C ASP D 163 -0.49 -6.01 -35.72
N THR D 164 -0.39 -5.64 -34.45
CA THR D 164 0.23 -6.49 -33.45
C THR D 164 -0.58 -7.77 -33.25
N SER D 165 0.11 -8.88 -33.02
CA SER D 165 -0.57 -10.19 -32.85
C SER D 165 -1.16 -10.27 -31.47
N LEU D 166 -2.15 -11.14 -31.30
CA LEU D 166 -2.73 -11.36 -29.99
C LEU D 166 -1.69 -11.81 -28.96
N GLU D 167 -0.79 -12.69 -29.37
CA GLU D 167 0.26 -13.19 -28.47
C GLU D 167 1.11 -12.02 -27.96
N ASP D 168 1.58 -11.17 -28.87
CA ASP D 168 2.45 -10.08 -28.47
C ASP D 168 1.75 -9.05 -27.63
N ALA D 169 0.48 -8.77 -27.93
CA ALA D 169 -0.29 -7.83 -27.14
C ALA D 169 -0.47 -8.33 -25.72
N ALA D 170 -0.70 -9.62 -25.55
CA ALA D 170 -0.77 -10.19 -24.19
C ALA D 170 0.58 -10.11 -23.44
N LYS D 171 1.68 -10.46 -24.10
CA LYS D 171 2.99 -10.26 -23.50
C LYS D 171 3.16 -8.80 -23.04
N CYS D 172 2.86 -7.89 -23.95
CA CYS D 172 3.03 -6.50 -23.69
C CYS D 172 2.21 -6.07 -22.47
N ALA D 173 0.97 -6.51 -22.39
CA ALA D 173 0.18 -6.24 -21.19
C ALA D 173 0.88 -6.79 -19.96
N LEU D 174 1.38 -8.01 -19.99
CA LEU D 174 1.98 -8.59 -18.79
C LEU D 174 3.23 -7.82 -18.32
N VAL D 175 4.03 -7.41 -19.28
CA VAL D 175 5.24 -6.65 -19.01
C VAL D 175 4.87 -5.28 -18.42
N SER D 176 3.84 -4.68 -18.99
CA SER D 176 3.25 -3.47 -18.43
C SER D 176 2.86 -3.63 -16.94
N PHE D 177 2.28 -4.78 -16.59
CA PHE D 177 1.95 -5.04 -15.19
C PHE D 177 3.17 -5.24 -14.34
N ASP D 178 4.19 -5.92 -14.89
CA ASP D 178 5.42 -6.17 -14.16
C ASP D 178 6.05 -4.86 -13.71
N SER D 179 6.22 -3.94 -14.65
CA SER D 179 6.81 -2.66 -14.35
C SER D 179 5.98 -1.85 -13.35
N THR D 180 4.66 -1.89 -13.52
CA THR D 180 3.76 -1.22 -12.60
C THR D 180 3.88 -1.80 -11.18
N MET D 181 3.85 -3.14 -11.05
CA MET D 181 3.95 -3.75 -9.72
C MET D 181 5.28 -3.49 -9.02
N ARG D 182 6.37 -3.43 -9.77
CA ARG D 182 7.67 -3.09 -9.17
C ARG D 182 7.72 -1.67 -8.63
N SER D 183 6.98 -0.76 -9.24
CA SER D 183 7.17 0.64 -8.96
C SER D 183 6.05 1.23 -8.13
N ASN D 184 4.95 0.51 -7.92
CA ASN D 184 3.82 1.03 -7.19
C ASN D 184 3.10 -0.07 -6.44
N LEU D 185 3.00 0.06 -5.13
CA LEU D 185 2.41 -1.00 -4.28
C LEU D 185 0.88 -1.07 -4.26
N SER D 186 0.17 -0.23 -5.02
CA SER D 186 -1.28 -0.28 -5.02
C SER D 186 -1.80 -1.26 -6.08
N VAL D 187 -0.89 -1.75 -6.92
CA VAL D 187 -1.28 -2.83 -7.85
C VAL D 187 -0.55 -4.15 -7.53
N GLY D 188 -1.27 -5.26 -7.71
CA GLY D 188 -0.85 -6.57 -7.20
C GLY D 188 -1.59 -7.78 -7.74
N LEU D 189 -0.89 -8.90 -7.74
CA LEU D 189 -1.44 -10.19 -8.14
C LEU D 189 -2.52 -10.64 -7.17
N PRO D 190 -3.44 -11.51 -7.60
CA PRO D 190 -3.52 -12.16 -8.91
C PRO D 190 -4.06 -11.29 -10.01
N LEU D 191 -3.61 -11.54 -11.26
CA LEU D 191 -4.18 -10.89 -12.45
C LEU D 191 -5.17 -11.80 -13.10
N ASP D 192 -6.10 -11.19 -13.83
CA ASP D 192 -6.93 -11.88 -14.80
C ASP D 192 -6.51 -11.44 -16.21
N LEU D 193 -6.49 -12.41 -17.11
CA LEU D 193 -6.11 -12.20 -18.50
C LEU D 193 -7.10 -12.89 -19.44
N LEU D 194 -7.59 -12.14 -20.43
CA LEU D 194 -8.54 -12.69 -21.41
C LEU D 194 -8.13 -12.27 -22.80
N VAL D 195 -8.05 -13.24 -23.70
CA VAL D 195 -7.67 -13.02 -25.09
C VAL D 195 -8.81 -13.51 -26.01
N TYR D 196 -9.34 -12.60 -26.83
CA TYR D 196 -10.53 -12.85 -27.64
C TYR D 196 -10.17 -12.77 -29.13
N GLU D 197 -10.48 -13.82 -29.87
CA GLU D 197 -10.22 -13.86 -31.31
C GLU D 197 -11.39 -13.29 -32.10
N ARG D 198 -11.09 -12.35 -32.99
CA ARG D 198 -12.06 -11.78 -33.92
C ARG D 198 -12.98 -12.84 -34.59
N ASP D 199 -14.27 -12.61 -34.53
CA ASP D 199 -15.31 -13.48 -35.09
C ASP D 199 -15.50 -14.87 -34.43
N SER D 200 -14.84 -15.18 -33.31
CA SER D 200 -15.09 -16.45 -32.61
C SER D 200 -16.44 -16.42 -31.87
N LEU D 201 -16.79 -15.27 -31.27
CA LEU D 201 -18.05 -15.08 -30.52
C LEU D 201 -18.12 -16.04 -29.36
N ARG D 202 -16.96 -16.25 -28.77
CA ARG D 202 -16.73 -17.26 -27.74
C ARG D 202 -15.53 -16.81 -26.91
N VAL D 203 -15.52 -17.06 -25.61
CA VAL D 203 -14.32 -16.73 -24.81
C VAL D 203 -13.29 -17.83 -25.06
N GLY D 204 -12.24 -17.49 -25.80
CA GLY D 204 -11.26 -18.50 -26.22
C GLY D 204 -10.28 -18.81 -25.10
N HIS D 205 -9.54 -17.80 -24.67
CA HIS D 205 -8.57 -17.98 -23.59
C HIS D 205 -8.85 -17.00 -22.46
N ARG D 206 -8.93 -17.55 -21.26
CA ARG D 206 -9.12 -16.76 -20.07
C ARG D 206 -8.51 -17.48 -18.88
N ARG D 207 -7.61 -16.80 -18.17
CA ARG D 207 -7.08 -17.37 -16.95
C ARG D 207 -6.64 -16.35 -15.90
N ARG D 208 -6.41 -16.91 -14.71
CA ARG D 208 -5.94 -16.21 -13.56
C ARG D 208 -4.43 -16.52 -13.38
N ILE D 209 -3.64 -15.48 -13.17
CA ILE D 209 -2.20 -15.60 -12.99
C ILE D 209 -1.85 -15.22 -11.56
N ASP D 210 -1.39 -16.19 -10.77
CA ASP D 210 -1.03 -15.94 -9.37
C ASP D 210 0.48 -15.89 -9.13
N GLU D 211 0.87 -15.62 -7.89
CA GLU D 211 2.29 -15.44 -7.54
C GLU D 211 3.16 -16.66 -7.88
N ASP D 212 2.56 -17.84 -8.02
CA ASP D 212 3.30 -19.05 -8.33
C ASP D 212 3.33 -19.39 -9.83
N ASP D 213 2.70 -18.58 -10.67
CA ASP D 213 2.57 -18.96 -12.07
C ASP D 213 3.93 -19.10 -12.75
N PRO D 214 4.28 -20.31 -13.23
CA PRO D 214 5.59 -20.52 -13.88
C PRO D 214 5.83 -19.64 -15.08
N TYR D 215 4.85 -19.45 -15.93
CA TYR D 215 5.07 -18.59 -17.07
C TYR D 215 5.40 -17.16 -16.64
N PHE D 216 4.58 -16.58 -15.78
CA PHE D 216 4.75 -15.16 -15.47
C PHE D 216 6.10 -14.96 -14.77
N ARG D 217 6.51 -15.92 -13.97
CA ARG D 217 7.86 -15.91 -13.40
C ARG D 217 8.97 -15.94 -14.42
N MET D 218 8.85 -16.81 -15.41
CA MET D 218 9.81 -16.87 -16.51
C MET D 218 9.86 -15.54 -17.25
N LEU D 219 8.70 -14.97 -17.53
CA LEU D 219 8.61 -13.75 -18.33
C LEU D 219 9.33 -12.60 -17.61
N ARG D 220 9.00 -12.43 -16.34
CA ARG D 220 9.61 -11.36 -15.57
C ARG D 220 11.13 -11.48 -15.50
N LYS D 221 11.60 -12.70 -15.29
CA LYS D 221 13.02 -12.94 -15.15
C LYS D 221 13.76 -12.72 -16.46
N GLN D 222 13.16 -13.11 -17.58
CA GLN D 222 13.82 -12.89 -18.85
C GLN D 222 13.74 -11.47 -19.30
N TRP D 223 12.64 -10.80 -19.01
CA TRP D 223 12.50 -9.38 -19.37
C TRP D 223 13.54 -8.57 -18.61
N SER D 224 13.64 -8.85 -17.32
CA SER D 224 14.66 -8.24 -16.49
C SER D 224 16.09 -8.47 -17.03
N GLU D 225 16.47 -9.71 -17.33
CA GLU D 225 17.80 -9.98 -17.89
C GLU D 225 17.98 -9.28 -19.25
N GLY D 226 16.96 -9.26 -20.09
CA GLY D 226 17.07 -8.71 -21.45
C GLY D 226 17.09 -7.20 -21.50
N LEU D 227 16.36 -6.56 -20.57
CA LEU D 227 16.45 -5.12 -20.40
C LEU D 227 17.84 -4.70 -19.95
N ARG D 228 18.39 -5.38 -18.95
CA ARG D 228 19.71 -5.02 -18.49
C ARG D 228 20.78 -5.18 -19.58
N GLN D 229 20.65 -6.19 -20.44
CA GLN D 229 21.60 -6.35 -21.54
C GLN D 229 21.47 -5.25 -22.58
N ALA D 230 20.24 -4.84 -22.86
CA ALA D 230 20.02 -3.75 -23.78
C ALA D 230 20.62 -2.47 -23.22
N PHE D 231 20.39 -2.22 -21.94
CA PHE D 231 20.93 -1.07 -21.26
C PHE D 231 22.45 -1.07 -21.31
N ASP D 232 23.05 -2.20 -20.98
CA ASP D 232 24.50 -2.27 -20.83
C ASP D 232 25.24 -2.08 -22.15
N SER D 233 24.56 -2.32 -23.27
CA SER D 233 25.21 -2.18 -24.54
C SER D 233 24.97 -0.79 -25.18
N LEU D 234 24.21 0.09 -24.50
CA LEU D 234 24.11 1.47 -24.97
C LEU D 234 25.44 2.19 -24.80
N PRO D 235 25.73 3.16 -25.68
CA PRO D 235 26.97 3.92 -25.60
C PRO D 235 26.98 4.92 -24.44
N ASP D 236 28.17 5.15 -23.89
CA ASP D 236 28.34 6.06 -22.77
C ASP D 236 28.36 7.49 -23.26
N PRO D 237 27.83 8.42 -22.44
CA PRO D 237 27.88 9.84 -22.80
C PRO D 237 29.29 10.26 -23.13
N PRO D 238 29.46 11.09 -24.16
CA PRO D 238 30.79 11.40 -24.71
C PRO D 238 31.68 12.41 -23.94
N TRP D 239 31.09 13.46 -23.35
CA TRP D 239 31.81 14.44 -22.47
C TRP D 239 33.23 14.77 -22.98
#